data_2J6O
# 
_entry.id   2J6O 
# 
_audit_conform.dict_name       mmcif_pdbx.dic 
_audit_conform.dict_version    5.391 
_audit_conform.dict_location   http://mmcif.pdb.org/dictionaries/ascii/mmcif_pdbx.dic 
# 
loop_
_database_2.database_id 
_database_2.database_code 
_database_2.pdbx_database_accession 
_database_2.pdbx_DOI 
PDB   2J6O         pdb_00002j6o 10.2210/pdb2j6o/pdb 
PDBE  EBI-29425    ?            ?                   
WWPDB D_1290029425 ?            ?                   
# 
loop_
_pdbx_audit_revision_history.ordinal 
_pdbx_audit_revision_history.data_content_type 
_pdbx_audit_revision_history.major_revision 
_pdbx_audit_revision_history.minor_revision 
_pdbx_audit_revision_history.revision_date 
1 'Structure model' 1 0 2006-10-11 
2 'Structure model' 1 1 2011-05-08 
3 'Structure model' 1 2 2011-07-13 
4 'Structure model' 1 3 2017-07-05 
5 'Structure model' 1 4 2024-05-01 
# 
_pdbx_audit_revision_details.ordinal             1 
_pdbx_audit_revision_details.revision_ordinal    1 
_pdbx_audit_revision_details.data_content_type   'Structure model' 
_pdbx_audit_revision_details.provider            repository 
_pdbx_audit_revision_details.type                'Initial release' 
_pdbx_audit_revision_details.description         ? 
_pdbx_audit_revision_details.details             ? 
# 
loop_
_pdbx_audit_revision_group.ordinal 
_pdbx_audit_revision_group.revision_ordinal 
_pdbx_audit_revision_group.data_content_type 
_pdbx_audit_revision_group.group 
1 2 'Structure model' 'Version format compliance' 
2 3 'Structure model' 'Version format compliance' 
3 4 'Structure model' 'Data collection'           
4 5 'Structure model' 'Data collection'           
5 5 'Structure model' 'Database references'       
6 5 'Structure model' Other                       
7 5 'Structure model' 'Refinement description'    
# 
loop_
_pdbx_audit_revision_category.ordinal 
_pdbx_audit_revision_category.revision_ordinal 
_pdbx_audit_revision_category.data_content_type 
_pdbx_audit_revision_category.category 
1 4 'Structure model' diffrn_source                 
2 5 'Structure model' chem_comp_atom                
3 5 'Structure model' chem_comp_bond                
4 5 'Structure model' database_2                    
5 5 'Structure model' pdbx_database_status          
6 5 'Structure model' pdbx_initial_refinement_model 
# 
loop_
_pdbx_audit_revision_item.ordinal 
_pdbx_audit_revision_item.revision_ordinal 
_pdbx_audit_revision_item.data_content_type 
_pdbx_audit_revision_item.item 
1 4 'Structure model' '_diffrn_source.type'                  
2 5 'Structure model' '_database_2.pdbx_DOI'                 
3 5 'Structure model' '_database_2.pdbx_database_accession'  
4 5 'Structure model' '_pdbx_database_status.status_code_sf' 
# 
_pdbx_database_status.status_code                     REL 
_pdbx_database_status.entry_id                        2J6O 
_pdbx_database_status.deposit_site                    PDBE 
_pdbx_database_status.process_site                    PDBE 
_pdbx_database_status.SG_entry                        . 
_pdbx_database_status.recvd_initial_deposition_date   2006-10-02 
_pdbx_database_status.pdb_format_compatible           Y 
_pdbx_database_status.status_code_sf                  REL 
_pdbx_database_status.status_code_mr                  ? 
_pdbx_database_status.status_code_cs                  ? 
_pdbx_database_status.methods_development_category    ? 
_pdbx_database_status.status_code_nmr_data            ? 
# 
loop_
_pdbx_database_related.db_name 
_pdbx_database_related.db_id 
_pdbx_database_related.content_type 
_pdbx_database_related.details 
PDB 1CDB unspecified .                                                                                       
PDB 1GYA unspecified 'N-GLYCAN AND POLYPEPTIDE NMR SOLUTION STRUCTURES OF THE ADHESION DOMAIN OF HUMAN CD2'  
PDB 1HNF unspecified 'CD2 (HUMAN)'                                                                           
PDB 1L2Z unspecified 'CD2BP2-GYF DOMAIN IN COMPLEX WITH PROLINE- RICH CD2 TAILSEGMENT PEPTIDE'               
PDB 2BZ8 unspecified 'N-TERMINAL SH3 DOMAIN OF CIN85 BOUND TO CBL-B PEPTIDE'                                 
PDB 2J6F unspecified 'N-TERMINAL SH3 DOMAIN OF CMS (CD2AP HUMAN HOMOLOG) BOUND TO CBL-B PEPTIDE'             
PDB 2J6K unspecified 'N-TERMINAL SH3 DOMAIN OF CMS (CD2AP HUMAN HOMOLOG)'                                    
PDB 2J7I unspecified 'ATYPICAL POLYPROLINE RECOGNITION BY THE CMS N-TERMINAL SH3 DOMAIN.CMS:CD2 HETERODIMER' 
# 
loop_
_audit_author.name 
_audit_author.pdbx_ordinal 
'Moncalian, G.'        1 
'Cardenes, N.'         2 
'Deribe, Y.L.'         3 
'Spinola-Amilibia, M.' 4 
'Dikic, I.'            5 
'Bravo, J.'            6 
# 
_citation.id                        primary 
_citation.title                     'Atypical Polyproline Recognition by the Cms N-Terminal SH3 Domain.' 
_citation.journal_abbrev            J.Biol.Chem. 
_citation.journal_volume            281 
_citation.page_first                38845 
_citation.page_last                 ? 
_citation.year                      2006 
_citation.journal_id_ASTM           JBCHA3 
_citation.country                   US 
_citation.journal_id_ISSN           0021-9258 
_citation.journal_id_CSD            0071 
_citation.book_publisher            ? 
_citation.pdbx_database_id_PubMed   17020880 
_citation.pdbx_database_id_DOI      10.1074/JBC.M606411200 
# 
loop_
_citation_author.citation_id 
_citation_author.name 
_citation_author.ordinal 
_citation_author.identifier_ORCID 
primary 'Moncalian, G.'        1 ? 
primary 'Cardenes, N.'         2 ? 
primary 'Deribe, Y.L.'         3 ? 
primary 'Spinola-Amilibia, M.' 4 ? 
primary 'Dikic, I.'            5 ? 
primary 'Bravo, J.'            6 ? 
# 
loop_
_entity.id 
_entity.type 
_entity.src_method 
_entity.pdbx_description 
_entity.formula_weight 
_entity.pdbx_number_of_molecules 
_entity.pdbx_ec 
_entity.pdbx_mutation 
_entity.pdbx_fragment 
_entity.details 
1 polymer man 'CD2-ASSOCIATED PROTEIN'     7412.285 1  ? ? 'SH3 DOMAIN, RESIDUES 1-62'              ? 
2 polymer syn 'T-CELL SURFACE ANTIGEN CD2' 1119.382 1  ? ? 'CMS BINDING SEQUENCE, RESIDUES 324-333' ? 
3 water   nat water                        18.015   46 ? ? ?                                        ? 
# 
loop_
_entity_name_com.entity_id 
_entity_name_com.name 
1 'CAS LIGAND WITH MULTIPLE SH3 DOMAINS, ADAPTER PROTEIN CMS, CMS'                                       
2 'T-CELL SURFACE ANTIGEN T11/LEU-5, LFA-2, LFA-3 RECEPTOR, ERYTHROCYTE RECEPTOR, ROSETTE RECEPTOR, CD2' 
# 
loop_
_entity_poly.entity_id 
_entity_poly.type 
_entity_poly.nstd_linkage 
_entity_poly.nstd_monomer 
_entity_poly.pdbx_seq_one_letter_code 
_entity_poly.pdbx_seq_one_letter_code_can 
_entity_poly.pdbx_strand_id 
_entity_poly.pdbx_target_identifier 
1 'polypeptide(L)' no no MVDYIVEYDYDAVHDDELTIRVGEIIRNVKKLQEEGWLEGELNGRRGMFPDNFVKEIKRETE 
MVDYIVEYDYDAVHDDELTIRVGEIIRNVKKLQEEGWLEGELNGRRGMFPDNFVKEIKRETE A ? 
2 'polypeptide(L)' no no KGPPLPRPRV                                                     KGPPLPRPRV C ? 
# 
_pdbx_entity_nonpoly.entity_id   3 
_pdbx_entity_nonpoly.name        water 
_pdbx_entity_nonpoly.comp_id     HOH 
# 
loop_
_entity_poly_seq.entity_id 
_entity_poly_seq.num 
_entity_poly_seq.mon_id 
_entity_poly_seq.hetero 
1 1  MET n 
1 2  VAL n 
1 3  ASP n 
1 4  TYR n 
1 5  ILE n 
1 6  VAL n 
1 7  GLU n 
1 8  TYR n 
1 9  ASP n 
1 10 TYR n 
1 11 ASP n 
1 12 ALA n 
1 13 VAL n 
1 14 HIS n 
1 15 ASP n 
1 16 ASP n 
1 17 GLU n 
1 18 LEU n 
1 19 THR n 
1 20 ILE n 
1 21 ARG n 
1 22 VAL n 
1 23 GLY n 
1 24 GLU n 
1 25 ILE n 
1 26 ILE n 
1 27 ARG n 
1 28 ASN n 
1 29 VAL n 
1 30 LYS n 
1 31 LYS n 
1 32 LEU n 
1 33 GLN n 
1 34 GLU n 
1 35 GLU n 
1 36 GLY n 
1 37 TRP n 
1 38 LEU n 
1 39 GLU n 
1 40 GLY n 
1 41 GLU n 
1 42 LEU n 
1 43 ASN n 
1 44 GLY n 
1 45 ARG n 
1 46 ARG n 
1 47 GLY n 
1 48 MET n 
1 49 PHE n 
1 50 PRO n 
1 51 ASP n 
1 52 ASN n 
1 53 PHE n 
1 54 VAL n 
1 55 LYS n 
1 56 GLU n 
1 57 ILE n 
1 58 LYS n 
1 59 ARG n 
1 60 GLU n 
1 61 THR n 
1 62 GLU n 
2 1  LYS n 
2 2  GLY n 
2 3  PRO n 
2 4  PRO n 
2 5  LEU n 
2 6  PRO n 
2 7  ARG n 
2 8  PRO n 
2 9  ARG n 
2 10 VAL n 
# 
_entity_src_gen.entity_id                          1 
_entity_src_gen.pdbx_src_id                        1 
_entity_src_gen.pdbx_alt_source_flag               sample 
_entity_src_gen.pdbx_seq_type                      ? 
_entity_src_gen.pdbx_beg_seq_num                   ? 
_entity_src_gen.pdbx_end_seq_num                   ? 
_entity_src_gen.gene_src_common_name               HUMAN 
_entity_src_gen.gene_src_genus                     ? 
_entity_src_gen.pdbx_gene_src_gene                 ? 
_entity_src_gen.gene_src_species                   ? 
_entity_src_gen.gene_src_strain                    ? 
_entity_src_gen.gene_src_tissue                    ? 
_entity_src_gen.gene_src_tissue_fraction           ? 
_entity_src_gen.gene_src_details                   ? 
_entity_src_gen.pdbx_gene_src_fragment             ? 
_entity_src_gen.pdbx_gene_src_scientific_name      'HOMO SAPIENS' 
_entity_src_gen.pdbx_gene_src_ncbi_taxonomy_id     9606 
_entity_src_gen.pdbx_gene_src_variant              ? 
_entity_src_gen.pdbx_gene_src_cell_line            ? 
_entity_src_gen.pdbx_gene_src_atcc                 ? 
_entity_src_gen.pdbx_gene_src_organ                ? 
_entity_src_gen.pdbx_gene_src_organelle            ? 
_entity_src_gen.pdbx_gene_src_cell                 ? 
_entity_src_gen.pdbx_gene_src_cellular_location    ? 
_entity_src_gen.host_org_common_name               ? 
_entity_src_gen.pdbx_host_org_scientific_name      'ESCHERICHIA COLI' 
_entity_src_gen.pdbx_host_org_ncbi_taxonomy_id     469008 
_entity_src_gen.host_org_genus                     ? 
_entity_src_gen.pdbx_host_org_gene                 ? 
_entity_src_gen.pdbx_host_org_organ                ? 
_entity_src_gen.host_org_species                   ? 
_entity_src_gen.pdbx_host_org_tissue               ? 
_entity_src_gen.pdbx_host_org_tissue_fraction      ? 
_entity_src_gen.pdbx_host_org_strain               'BL21(DE3)' 
_entity_src_gen.pdbx_host_org_variant              ? 
_entity_src_gen.pdbx_host_org_cell_line            ? 
_entity_src_gen.pdbx_host_org_atcc                 ? 
_entity_src_gen.pdbx_host_org_culture_collection   ? 
_entity_src_gen.pdbx_host_org_cell                 ? 
_entity_src_gen.pdbx_host_org_organelle            ? 
_entity_src_gen.pdbx_host_org_cellular_location    ? 
_entity_src_gen.pdbx_host_org_vector_type          ? 
_entity_src_gen.pdbx_host_org_vector               ? 
_entity_src_gen.host_org_details                   ? 
_entity_src_gen.expression_system_id               ? 
_entity_src_gen.plasmid_name                       PET21 
_entity_src_gen.plasmid_details                    ? 
_entity_src_gen.pdbx_description                   ? 
# 
_pdbx_entity_src_syn.entity_id              2 
_pdbx_entity_src_syn.pdbx_src_id            1 
_pdbx_entity_src_syn.pdbx_alt_source_flag   sample 
_pdbx_entity_src_syn.pdbx_beg_seq_num       ? 
_pdbx_entity_src_syn.pdbx_end_seq_num       ? 
_pdbx_entity_src_syn.organism_scientific    'HOMO SAPIENS' 
_pdbx_entity_src_syn.organism_common_name   HUMAN 
_pdbx_entity_src_syn.ncbi_taxonomy_id       9606 
_pdbx_entity_src_syn.details                ? 
# 
loop_
_chem_comp.id 
_chem_comp.type 
_chem_comp.mon_nstd_flag 
_chem_comp.name 
_chem_comp.pdbx_synonyms 
_chem_comp.formula 
_chem_comp.formula_weight 
ALA 'L-peptide linking' y ALANINE         ? 'C3 H7 N O2'     89.093  
ARG 'L-peptide linking' y ARGININE        ? 'C6 H15 N4 O2 1' 175.209 
ASN 'L-peptide linking' y ASPARAGINE      ? 'C4 H8 N2 O3'    132.118 
ASP 'L-peptide linking' y 'ASPARTIC ACID' ? 'C4 H7 N O4'     133.103 
GLN 'L-peptide linking' y GLUTAMINE       ? 'C5 H10 N2 O3'   146.144 
GLU 'L-peptide linking' y 'GLUTAMIC ACID' ? 'C5 H9 N O4'     147.129 
GLY 'peptide linking'   y GLYCINE         ? 'C2 H5 N O2'     75.067  
HIS 'L-peptide linking' y HISTIDINE       ? 'C6 H10 N3 O2 1' 156.162 
HOH non-polymer         . WATER           ? 'H2 O'           18.015  
ILE 'L-peptide linking' y ISOLEUCINE      ? 'C6 H13 N O2'    131.173 
LEU 'L-peptide linking' y LEUCINE         ? 'C6 H13 N O2'    131.173 
LYS 'L-peptide linking' y LYSINE          ? 'C6 H15 N2 O2 1' 147.195 
MET 'L-peptide linking' y METHIONINE      ? 'C5 H11 N O2 S'  149.211 
PHE 'L-peptide linking' y PHENYLALANINE   ? 'C9 H11 N O2'    165.189 
PRO 'L-peptide linking' y PROLINE         ? 'C5 H9 N O2'     115.130 
THR 'L-peptide linking' y THREONINE       ? 'C4 H9 N O3'     119.119 
TRP 'L-peptide linking' y TRYPTOPHAN      ? 'C11 H12 N2 O2'  204.225 
TYR 'L-peptide linking' y TYROSINE        ? 'C9 H11 N O3'    181.189 
VAL 'L-peptide linking' y VALINE          ? 'C5 H11 N O2'    117.146 
# 
loop_
_pdbx_poly_seq_scheme.asym_id 
_pdbx_poly_seq_scheme.entity_id 
_pdbx_poly_seq_scheme.seq_id 
_pdbx_poly_seq_scheme.mon_id 
_pdbx_poly_seq_scheme.ndb_seq_num 
_pdbx_poly_seq_scheme.pdb_seq_num 
_pdbx_poly_seq_scheme.auth_seq_num 
_pdbx_poly_seq_scheme.pdb_mon_id 
_pdbx_poly_seq_scheme.auth_mon_id 
_pdbx_poly_seq_scheme.pdb_strand_id 
_pdbx_poly_seq_scheme.pdb_ins_code 
_pdbx_poly_seq_scheme.hetero 
A 1 1  MET 1  1   ?   ?   ?   A . n 
A 1 2  VAL 2  2   2   VAL VAL A . n 
A 1 3  ASP 3  3   3   ASP ASP A . n 
A 1 4  TYR 4  4   4   TYR TYR A . n 
A 1 5  ILE 5  5   5   ILE ILE A . n 
A 1 6  VAL 6  6   6   VAL VAL A . n 
A 1 7  GLU 7  7   7   GLU GLU A . n 
A 1 8  TYR 8  8   8   TYR TYR A . n 
A 1 9  ASP 9  9   9   ASP ASP A . n 
A 1 10 TYR 10 10  10  TYR TYR A . n 
A 1 11 ASP 11 11  11  ASP ASP A . n 
A 1 12 ALA 12 12  12  ALA ALA A . n 
A 1 13 VAL 13 13  13  VAL VAL A . n 
A 1 14 HIS 14 14  14  HIS HIS A . n 
A 1 15 ASP 15 15  15  ASP ASP A . n 
A 1 16 ASP 16 16  16  ASP ASP A . n 
A 1 17 GLU 17 17  17  GLU GLU A . n 
A 1 18 LEU 18 18  18  LEU LEU A . n 
A 1 19 THR 19 19  19  THR THR A . n 
A 1 20 ILE 20 20  20  ILE ILE A . n 
A 1 21 ARG 21 21  21  ARG ARG A . n 
A 1 22 VAL 22 22  22  VAL VAL A . n 
A 1 23 GLY 23 23  23  GLY GLY A . n 
A 1 24 GLU 24 24  24  GLU GLU A . n 
A 1 25 ILE 25 25  25  ILE ILE A . n 
A 1 26 ILE 26 26  26  ILE ILE A . n 
A 1 27 ARG 27 27  27  ARG ARG A . n 
A 1 28 ASN 28 28  28  ASN ASN A . n 
A 1 29 VAL 29 29  29  VAL VAL A . n 
A 1 30 LYS 30 30  30  LYS LYS A . n 
A 1 31 LYS 31 31  31  LYS LYS A . n 
A 1 32 LEU 32 32  32  LEU LEU A . n 
A 1 33 GLN 33 33  33  GLN GLN A . n 
A 1 34 GLU 34 34  34  GLU GLU A . n 
A 1 35 GLU 35 35  35  GLU GLU A . n 
A 1 36 GLY 36 36  36  GLY GLY A . n 
A 1 37 TRP 37 37  37  TRP TRP A . n 
A 1 38 LEU 38 38  38  LEU LEU A . n 
A 1 39 GLU 39 39  39  GLU GLU A . n 
A 1 40 GLY 40 40  40  GLY GLY A . n 
A 1 41 GLU 41 41  41  GLU GLU A . n 
A 1 42 LEU 42 42  42  LEU LEU A . n 
A 1 43 ASN 43 43  43  ASN ASN A . n 
A 1 44 GLY 44 44  44  GLY GLY A . n 
A 1 45 ARG 45 45  45  ARG ARG A . n 
A 1 46 ARG 46 46  46  ARG ARG A . n 
A 1 47 GLY 47 47  47  GLY GLY A . n 
A 1 48 MET 48 48  48  MET MET A . n 
A 1 49 PHE 49 49  49  PHE PHE A . n 
A 1 50 PRO 50 50  50  PRO PRO A . n 
A 1 51 ASP 51 51  51  ASP ASP A . n 
A 1 52 ASN 52 52  52  ASN ASN A . n 
A 1 53 PHE 53 53  53  PHE PHE A . n 
A 1 54 VAL 54 54  54  VAL VAL A . n 
A 1 55 LYS 55 55  55  LYS LYS A . n 
A 1 56 GLU 56 56  56  GLU GLU A . n 
A 1 57 ILE 57 57  57  ILE ILE A . n 
A 1 58 LYS 58 58  58  LYS LYS A . n 
A 1 59 ARG 59 59  ?   ?   ?   A . n 
A 1 60 GLU 60 60  ?   ?   ?   A . n 
A 1 61 THR 61 61  ?   ?   ?   A . n 
A 1 62 GLU 62 62  ?   ?   ?   A . n 
B 2 1  LYS 1  324 ?   ?   ?   C . n 
B 2 2  GLY 2  325 ?   ?   ?   C . n 
B 2 3  PRO 3  326 ?   ?   ?   C . n 
B 2 4  PRO 4  327 327 PRO PRO C . n 
B 2 5  LEU 5  328 328 LEU LEU C . n 
B 2 6  PRO 6  329 329 PRO PRO C . n 
B 2 7  ARG 7  330 330 ARG ARG C . n 
B 2 8  PRO 8  331 331 PRO PRO C . n 
B 2 9  ARG 9  332 332 ARG ARG C . n 
B 2 10 VAL 10 333 333 VAL VAL C . n 
# 
loop_
_pdbx_nonpoly_scheme.asym_id 
_pdbx_nonpoly_scheme.entity_id 
_pdbx_nonpoly_scheme.mon_id 
_pdbx_nonpoly_scheme.ndb_seq_num 
_pdbx_nonpoly_scheme.pdb_seq_num 
_pdbx_nonpoly_scheme.auth_seq_num 
_pdbx_nonpoly_scheme.pdb_mon_id 
_pdbx_nonpoly_scheme.auth_mon_id 
_pdbx_nonpoly_scheme.pdb_strand_id 
_pdbx_nonpoly_scheme.pdb_ins_code 
C 3 HOH 1  2001 2001 HOH HOH A . 
C 3 HOH 2  2002 2002 HOH HOH A . 
C 3 HOH 3  2003 2003 HOH HOH A . 
C 3 HOH 4  2004 2004 HOH HOH A . 
C 3 HOH 5  2005 2005 HOH HOH A . 
C 3 HOH 6  2006 2006 HOH HOH A . 
C 3 HOH 7  2007 2007 HOH HOH A . 
C 3 HOH 8  2008 2008 HOH HOH A . 
C 3 HOH 9  2009 2009 HOH HOH A . 
C 3 HOH 10 2010 2010 HOH HOH A . 
C 3 HOH 11 2011 2011 HOH HOH A . 
C 3 HOH 12 2012 2012 HOH HOH A . 
C 3 HOH 13 2013 2013 HOH HOH A . 
C 3 HOH 14 2014 2014 HOH HOH A . 
C 3 HOH 15 2015 2015 HOH HOH A . 
C 3 HOH 16 2016 2016 HOH HOH A . 
C 3 HOH 17 2017 2017 HOH HOH A . 
C 3 HOH 18 2018 2018 HOH HOH A . 
C 3 HOH 19 2019 2019 HOH HOH A . 
C 3 HOH 20 2020 2020 HOH HOH A . 
C 3 HOH 21 2021 2021 HOH HOH A . 
C 3 HOH 22 2022 2022 HOH HOH A . 
C 3 HOH 23 2023 2023 HOH HOH A . 
C 3 HOH 24 2024 2024 HOH HOH A . 
C 3 HOH 25 2025 2025 HOH HOH A . 
C 3 HOH 26 2026 2026 HOH HOH A . 
C 3 HOH 27 2027 2027 HOH HOH A . 
C 3 HOH 28 2028 2028 HOH HOH A . 
C 3 HOH 29 2029 2029 HOH HOH A . 
C 3 HOH 30 2030 2030 HOH HOH A . 
C 3 HOH 31 2031 2031 HOH HOH A . 
C 3 HOH 32 2032 2032 HOH HOH A . 
C 3 HOH 33 2033 2033 HOH HOH A . 
C 3 HOH 34 2034 2034 HOH HOH A . 
C 3 HOH 35 2035 2035 HOH HOH A . 
C 3 HOH 36 2036 2036 HOH HOH A . 
C 3 HOH 37 2037 2037 HOH HOH A . 
C 3 HOH 38 2038 2038 HOH HOH A . 
C 3 HOH 39 2039 2039 HOH HOH A . 
C 3 HOH 40 2040 2040 HOH HOH A . 
C 3 HOH 41 2041 2041 HOH HOH A . 
C 3 HOH 42 2042 2042 HOH HOH A . 
C 3 HOH 43 2043 2043 HOH HOH A . 
C 3 HOH 44 2044 2044 HOH HOH A . 
D 3 HOH 1  2001 2001 HOH HOH C . 
D 3 HOH 2  2002 2002 HOH HOH C . 
# 
loop_
_software.name 
_software.classification 
_software.version 
_software.citation_id 
_software.pdbx_ordinal 
REFMAC   refinement       5.2.0019 ? 1 
MOSFLM   'data reduction' .        ? 2 
TRUNCATE 'data scaling'   .        ? 3 
AMoRE    phasing          .        ? 4 
# 
_cell.entry_id           2J6O 
_cell.length_a           66.391 
_cell.length_b           66.391 
_cell.length_c           68.736 
_cell.angle_alpha        90.00 
_cell.angle_beta         90.00 
_cell.angle_gamma        90.00 
_cell.Z_PDB              16 
_cell.pdbx_unique_axis   ? 
# 
_symmetry.entry_id                         2J6O 
_symmetry.space_group_name_H-M             'I 4 2 2' 
_symmetry.pdbx_full_space_group_name_H-M   ? 
_symmetry.cell_setting                     ? 
_symmetry.Int_Tables_number                97 
# 
_exptl.entry_id          2J6O 
_exptl.method            'X-RAY DIFFRACTION' 
_exptl.crystals_number   1 
# 
_exptl_crystal.id                    1 
_exptl_crystal.density_meas          ? 
_exptl_crystal.density_Matthews      2.34 
_exptl_crystal.density_percent_sol   47.42 
_exptl_crystal.description           ? 
# 
_exptl_crystal_grow.crystal_id      1 
_exptl_crystal_grow.method          ? 
_exptl_crystal_grow.temp            ? 
_exptl_crystal_grow.temp_details    ? 
_exptl_crystal_grow.pH              5.50 
_exptl_crystal_grow.pdbx_pH_range   ? 
_exptl_crystal_grow.pdbx_details    '20% PEG3000, 0.1M ACETATE PH 5.5' 
# 
_diffrn.id                     1 
_diffrn.ambient_temp           110.0 
_diffrn.ambient_temp_details   ? 
_diffrn.crystal_id             1 
# 
_diffrn_detector.diffrn_id              1 
_diffrn_detector.detector               CCD 
_diffrn_detector.type                   MARRESEARCH 
_diffrn_detector.pdbx_collection_date   2004-06-07 
_diffrn_detector.details                MIRRORS 
# 
_diffrn_radiation.diffrn_id                        1 
_diffrn_radiation.wavelength_id                    1 
_diffrn_radiation.pdbx_monochromatic_or_laue_m_l   M 
_diffrn_radiation.monochromator                    ? 
_diffrn_radiation.pdbx_diffrn_protocol             'SINGLE WAVELENGTH' 
_diffrn_radiation.pdbx_scattering_type             x-ray 
# 
_diffrn_radiation_wavelength.id           1 
_diffrn_radiation_wavelength.wavelength   1.54179 
_diffrn_radiation_wavelength.wt           1.0 
# 
_diffrn_source.diffrn_id                   1 
_diffrn_source.source                      'ROTATING ANODE' 
_diffrn_source.type                        'ENRAF-NONIUS FR591' 
_diffrn_source.pdbx_synchrotron_site       ? 
_diffrn_source.pdbx_synchrotron_beamline   ? 
_diffrn_source.pdbx_wavelength             1.54179 
_diffrn_source.pdbx_wavelength_list        ? 
# 
_reflns.pdbx_diffrn_id               1 
_reflns.pdbx_ordinal                 1 
_reflns.entry_id                     2J6O 
_reflns.observed_criterion_sigma_I   0.000 
_reflns.observed_criterion_sigma_F   ? 
_reflns.d_resolution_low             34.360 
_reflns.d_resolution_high            2.220 
_reflns.number_obs                   3933 
_reflns.number_all                   ? 
_reflns.percent_possible_obs         98.0 
_reflns.pdbx_Rmerge_I_obs            0.11000 
_reflns.pdbx_Rsym_value              ? 
_reflns.pdbx_netI_over_sigmaI        25.0200 
_reflns.B_iso_Wilson_estimate        33.00 
_reflns.pdbx_redundancy              16.660 
# 
_reflns_shell.pdbx_diffrn_id         1 
_reflns_shell.pdbx_ordinal           1 
_reflns_shell.d_res_high             2.22 
_reflns_shell.d_res_low              2.26 
_reflns_shell.percent_possible_all   86.6 
_reflns_shell.Rmerge_I_obs           0.41000 
_reflns_shell.pdbx_Rsym_value        ? 
_reflns_shell.meanI_over_sigI_obs    15.740 
_reflns_shell.pdbx_redundancy        14.22 
# 
_refine.pdbx_refine_id                           'X-RAY DIFFRACTION' 
_refine.entry_id                                 2J6O 
_refine.pdbx_diffrn_id                           1 
_refine.pdbx_TLS_residual_ADP_flag               ? 
_refine.ls_number_reflns_obs                     3932 
_refine.ls_number_reflns_all                     ? 
_refine.pdbx_ls_sigma_I                          ? 
_refine.pdbx_ls_sigma_F                          0.000 
_refine.pdbx_data_cutoff_high_absF               ? 
_refine.pdbx_data_cutoff_low_absF                ? 
_refine.pdbx_data_cutoff_high_rms_absF           ? 
_refine.ls_d_res_low                             47.73 
_refine.ls_d_res_high                            2.23 
_refine.ls_percent_reflns_obs                    98.1 
_refine.ls_R_factor_obs                          0.243 
_refine.ls_R_factor_all                          ? 
_refine.ls_R_factor_R_work                       0.241 
_refine.ls_R_factor_R_free                       0.286 
_refine.ls_R_factor_R_free_error                 ? 
_refine.ls_R_factor_R_free_error_details         ? 
_refine.ls_percent_reflns_R_free                 4.520 
_refine.ls_number_reflns_R_free                  177 
_refine.ls_number_parameters                     ? 
_refine.ls_number_restraints                     ? 
_refine.occupancy_min                            ? 
_refine.occupancy_max                            ? 
_refine.correlation_coeff_Fo_to_Fc               0.907 
_refine.correlation_coeff_Fo_to_Fc_free          0.891 
_refine.B_iso_mean                               24.85 
_refine.aniso_B[1][1]                            -0.21000 
_refine.aniso_B[2][2]                            -0.21000 
_refine.aniso_B[3][3]                            0.42000 
_refine.aniso_B[1][2]                            0.00000 
_refine.aniso_B[1][3]                            0.00000 
_refine.aniso_B[2][3]                            0.00000 
_refine.solvent_model_details                    'BABINET MODEL PLUS MASK' 
_refine.solvent_model_param_ksol                 ? 
_refine.solvent_model_param_bsol                 ? 
_refine.pdbx_solvent_vdw_probe_radii             1.40 
_refine.pdbx_solvent_ion_probe_radii             0.80 
_refine.pdbx_solvent_shrinkage_radii             0.80 
_refine.pdbx_ls_cross_valid_method               THROUGHOUT 
_refine.details                                  
;HYDROGENS HAVE BEEN ADDED IN THE RIDING POSITIONS. THE BIOLOGICAL UNIT OF THIS STRUCTURE IS A HETEROTRIMER CONSISTING OF TWO CMS SH3A DOMAINS AND ONE CD2 PEPTIDE IN TWO ORIENTATIONS, WITH 0.5 OCCUPANCY EACH. THE SECOND CMS SH3A MOLECULES, AS WELL AS THE SECOND ORIENTATION OF THE PEPTIDE, ARE RELATED TO THAT IN THE ASYMMETRIC UNIT BY A CRYSTALLOGRAPHIC SYMMETRY OPERATION.
;
_refine.pdbx_starting_model                      'CMSA-CBL-B STRUCTURE' 
_refine.pdbx_method_to_determine_struct          'MOLECULAR REPLACEMENT' 
_refine.pdbx_isotropic_thermal_model             ? 
_refine.pdbx_stereochemistry_target_values       'MAXIMUM LIKELIHOOD' 
_refine.pdbx_stereochem_target_val_spec_case     ? 
_refine.pdbx_R_Free_selection_details            RANDOM 
_refine.pdbx_overall_ESU_R                       0.361 
_refine.pdbx_overall_ESU_R_Free                  0.259 
_refine.overall_SU_ML                            0.211 
_refine.pdbx_overall_phase_error                 ? 
_refine.overall_SU_B                             8.792 
_refine.overall_SU_R_Cruickshank_DPI             ? 
_refine.pdbx_overall_SU_R_free_Cruickshank_DPI   ? 
_refine.pdbx_overall_SU_R_Blow_DPI               ? 
_refine.pdbx_overall_SU_R_free_Blow_DPI          ? 
# 
_refine_hist.pdbx_refine_id                   'X-RAY DIFFRACTION' 
_refine_hist.cycle_id                         LAST 
_refine_hist.pdbx_number_atoms_protein        534 
_refine_hist.pdbx_number_atoms_nucleic_acid   0 
_refine_hist.pdbx_number_atoms_ligand         0 
_refine_hist.number_atoms_solvent             46 
_refine_hist.number_atoms_total               580 
_refine_hist.d_res_high                       2.23 
_refine_hist.d_res_low                        47.73 
# 
loop_
_refine_ls_restr.type 
_refine_ls_restr.dev_ideal 
_refine_ls_restr.dev_ideal_target 
_refine_ls_restr.weight 
_refine_ls_restr.number 
_refine_ls_restr.pdbx_refine_id 
_refine_ls_restr.pdbx_restraint_function 
r_bond_refined_d             0.010  0.022  ? 562 'X-RAY DIFFRACTION' ? 
r_bond_other_d               ?      ?      ? ?   'X-RAY DIFFRACTION' ? 
r_angle_refined_deg          1.306  1.974  ? 762 'X-RAY DIFFRACTION' ? 
r_angle_other_deg            ?      ?      ? ?   'X-RAY DIFFRACTION' ? 
r_dihedral_angle_1_deg       5.750  5.000  ? 68  'X-RAY DIFFRACTION' ? 
r_dihedral_angle_2_deg       29.944 24.062 ? 32  'X-RAY DIFFRACTION' ? 
r_dihedral_angle_3_deg       16.883 15.000 ? 104 'X-RAY DIFFRACTION' ? 
r_dihedral_angle_4_deg       17.052 15.000 ? 6   'X-RAY DIFFRACTION' ? 
r_chiral_restr               0.077  0.200  ? 82  'X-RAY DIFFRACTION' ? 
r_gen_planes_refined         0.004  0.020  ? 432 'X-RAY DIFFRACTION' ? 
r_gen_planes_other           ?      ?      ? ?   'X-RAY DIFFRACTION' ? 
r_nbd_refined                0.201  0.200  ? 220 'X-RAY DIFFRACTION' ? 
r_nbd_other                  ?      ?      ? ?   'X-RAY DIFFRACTION' ? 
r_nbtor_refined              0.304  0.200  ? 353 'X-RAY DIFFRACTION' ? 
r_nbtor_other                ?      ?      ? ?   'X-RAY DIFFRACTION' ? 
r_xyhbond_nbd_refined        0.172  0.200  ? 33  'X-RAY DIFFRACTION' ? 
r_xyhbond_nbd_other          ?      ?      ? ?   'X-RAY DIFFRACTION' ? 
r_metal_ion_refined          ?      ?      ? ?   'X-RAY DIFFRACTION' ? 
r_metal_ion_other            ?      ?      ? ?   'X-RAY DIFFRACTION' ? 
r_symmetry_vdw_refined       0.256  0.200  ? 31  'X-RAY DIFFRACTION' ? 
r_symmetry_vdw_other         ?      ?      ? ?   'X-RAY DIFFRACTION' ? 
r_symmetry_hbond_refined     0.196  0.200  ? 10  'X-RAY DIFFRACTION' ? 
r_symmetry_hbond_other       ?      ?      ? ?   'X-RAY DIFFRACTION' ? 
r_symmetry_metal_ion_refined ?      ?      ? ?   'X-RAY DIFFRACTION' ? 
r_symmetry_metal_ion_other   ?      ?      ? ?   'X-RAY DIFFRACTION' ? 
r_mcbond_it                  1.482  3.000  ? 335 'X-RAY DIFFRACTION' ? 
r_mcbond_other               ?      ?      ? ?   'X-RAY DIFFRACTION' ? 
r_mcangle_it                 2.310  4.000  ? 534 'X-RAY DIFFRACTION' ? 
r_mcangle_other              ?      ?      ? ?   'X-RAY DIFFRACTION' ? 
r_scbond_it                  2.058  4.000  ? 254 'X-RAY DIFFRACTION' ? 
r_scbond_other               ?      ?      ? ?   'X-RAY DIFFRACTION' ? 
r_scangle_it                 3.007  6.000  ? 225 'X-RAY DIFFRACTION' ? 
r_scangle_other              ?      ?      ? ?   'X-RAY DIFFRACTION' ? 
r_long_range_B_refined       ?      ?      ? ?   'X-RAY DIFFRACTION' ? 
r_long_range_B_other         ?      ?      ? ?   'X-RAY DIFFRACTION' ? 
r_rigid_bond_restr           ?      ?      ? ?   'X-RAY DIFFRACTION' ? 
r_sphericity_free            ?      ?      ? ?   'X-RAY DIFFRACTION' ? 
r_sphericity_bonded          ?      ?      ? ?   'X-RAY DIFFRACTION' ? 
# 
_refine_ls_shell.pdbx_refine_id                   'X-RAY DIFFRACTION' 
_refine_ls_shell.pdbx_total_number_of_bins_used   20 
_refine_ls_shell.d_res_high                       9.75 
_refine_ls_shell.d_res_low                        47.73 
_refine_ls_shell.number_reflns_R_work             59 
_refine_ls_shell.R_factor_R_work                  0.4050 
_refine_ls_shell.percent_reflns_obs               ? 
_refine_ls_shell.R_factor_R_free                  0.3390 
_refine_ls_shell.R_factor_R_free_error            ? 
_refine_ls_shell.percent_reflns_R_free            ? 
_refine_ls_shell.number_reflns_R_free             3 
_refine_ls_shell.number_reflns_all                ? 
_refine_ls_shell.R_factor_all                     ? 
# 
_struct.entry_id                  2J6O 
_struct.title                     'ATYPICAL POLYPROLINE RECOGNITION BY THE CMS N-TERMINAL SH3 DOMAIN. CMS:CD2 HETEROTRIMER' 
_struct.pdbx_model_details        ? 
_struct.pdbx_CASP_flag            ? 
_struct.pdbx_model_type_details   ? 
# 
_struct_keywords.entry_id        2J6O 
_struct_keywords.pdbx_keywords   'PROTEIN BINDING' 
_struct_keywords.text            
;PHOSPHORYLATION, ADAPTOR PROTEIN, EGFR DOWNREGULATION, CMS, SH3 DOMAIN, SH3-BINDING, COILED COIL, SH3 DOMAIN RECOGNITION, SIGNALING PROTEIN, PROTEIN BINDING
;
# 
loop_
_struct_asym.id 
_struct_asym.pdbx_blank_PDB_chainid_flag 
_struct_asym.pdbx_modified 
_struct_asym.entity_id 
_struct_asym.details 
A N N 1 ? 
B N N 2 ? 
C N N 3 ? 
D N N 3 ? 
# 
loop_
_struct_ref.id 
_struct_ref.db_name 
_struct_ref.db_code 
_struct_ref.entity_id 
_struct_ref.pdbx_seq_one_letter_code 
_struct_ref.pdbx_align_begin 
_struct_ref.pdbx_db_accession 
_struct_ref.pdbx_db_isoform 
1 UNP CD2AP_HUMAN 1 ? ? Q9Y5K6 ? 
2 UNP CD2_HUMAN   2 ? ? P06729 ? 
# 
loop_
_struct_ref_seq.align_id 
_struct_ref_seq.ref_id 
_struct_ref_seq.pdbx_PDB_id_code 
_struct_ref_seq.pdbx_strand_id 
_struct_ref_seq.seq_align_beg 
_struct_ref_seq.pdbx_seq_align_beg_ins_code 
_struct_ref_seq.seq_align_end 
_struct_ref_seq.pdbx_seq_align_end_ins_code 
_struct_ref_seq.pdbx_db_accession 
_struct_ref_seq.db_align_beg 
_struct_ref_seq.pdbx_db_align_beg_ins_code 
_struct_ref_seq.db_align_end 
_struct_ref_seq.pdbx_db_align_end_ins_code 
_struct_ref_seq.pdbx_auth_seq_align_beg 
_struct_ref_seq.pdbx_auth_seq_align_end 
1 1 2J6O A 1 ? 62 ? Q9Y5K6 1   ? 62  ? 1   62  
2 2 2J6O C 1 ? 10 ? P06729 324 ? 333 ? 324 333 
# 
_pdbx_struct_assembly.id                   1 
_pdbx_struct_assembly.details              author_and_software_defined_assembly 
_pdbx_struct_assembly.method_details       PQS 
_pdbx_struct_assembly.oligomeric_details   dimeric 
_pdbx_struct_assembly.oligomeric_count     2 
# 
_pdbx_struct_assembly_gen.assembly_id       1 
_pdbx_struct_assembly_gen.oper_expression   1 
_pdbx_struct_assembly_gen.asym_id_list      A,B,C,D 
# 
_pdbx_struct_oper_list.id                   1 
_pdbx_struct_oper_list.type                 'identity operation' 
_pdbx_struct_oper_list.name                 1_555 
_pdbx_struct_oper_list.symmetry_operation   x,y,z 
_pdbx_struct_oper_list.matrix[1][1]         1.0000000000 
_pdbx_struct_oper_list.matrix[1][2]         0.0000000000 
_pdbx_struct_oper_list.matrix[1][3]         0.0000000000 
_pdbx_struct_oper_list.vector[1]            0.0000000000 
_pdbx_struct_oper_list.matrix[2][1]         0.0000000000 
_pdbx_struct_oper_list.matrix[2][2]         1.0000000000 
_pdbx_struct_oper_list.matrix[2][3]         0.0000000000 
_pdbx_struct_oper_list.vector[2]            0.0000000000 
_pdbx_struct_oper_list.matrix[3][1]         0.0000000000 
_pdbx_struct_oper_list.matrix[3][2]         0.0000000000 
_pdbx_struct_oper_list.matrix[3][3]         1.0000000000 
_pdbx_struct_oper_list.vector[3]            0.0000000000 
# 
_struct_biol.id   1 
# 
_struct_conf.conf_type_id            HELX_P 
_struct_conf.id                      HELX_P1 
_struct_conf.pdbx_PDB_helix_id       1 
_struct_conf.beg_label_comp_id       ASP 
_struct_conf.beg_label_asym_id       A 
_struct_conf.beg_label_seq_id        51 
_struct_conf.pdbx_beg_PDB_ins_code   ? 
_struct_conf.end_label_comp_id       PHE 
_struct_conf.end_label_asym_id       A 
_struct_conf.end_label_seq_id        53 
_struct_conf.pdbx_end_PDB_ins_code   ? 
_struct_conf.beg_auth_comp_id        ASP 
_struct_conf.beg_auth_asym_id        A 
_struct_conf.beg_auth_seq_id         51 
_struct_conf.end_auth_comp_id        PHE 
_struct_conf.end_auth_asym_id        A 
_struct_conf.end_auth_seq_id         53 
_struct_conf.pdbx_PDB_helix_class    5 
_struct_conf.details                 ? 
_struct_conf.pdbx_PDB_helix_length   3 
# 
_struct_conf_type.id          HELX_P 
_struct_conf_type.criteria    ? 
_struct_conf_type.reference   ? 
# 
_struct_sheet.id               AA 
_struct_sheet.type             ? 
_struct_sheet.number_strands   5 
_struct_sheet.details          ? 
# 
loop_
_struct_sheet_order.sheet_id 
_struct_sheet_order.range_id_1 
_struct_sheet_order.range_id_2 
_struct_sheet_order.offset 
_struct_sheet_order.sense 
AA 1 2 ? anti-parallel 
AA 2 3 ? anti-parallel 
AA 3 4 ? anti-parallel 
AA 4 5 ? anti-parallel 
# 
loop_
_struct_sheet_range.sheet_id 
_struct_sheet_range.id 
_struct_sheet_range.beg_label_comp_id 
_struct_sheet_range.beg_label_asym_id 
_struct_sheet_range.beg_label_seq_id 
_struct_sheet_range.pdbx_beg_PDB_ins_code 
_struct_sheet_range.end_label_comp_id 
_struct_sheet_range.end_label_asym_id 
_struct_sheet_range.end_label_seq_id 
_struct_sheet_range.pdbx_end_PDB_ins_code 
_struct_sheet_range.beg_auth_comp_id 
_struct_sheet_range.beg_auth_asym_id 
_struct_sheet_range.beg_auth_seq_id 
_struct_sheet_range.end_auth_comp_id 
_struct_sheet_range.end_auth_asym_id 
_struct_sheet_range.end_auth_seq_id 
AA 1 ARG A 45 ? PRO A 50 ? ARG A 45 PRO A 50 
AA 2 TRP A 37 ? LEU A 42 ? TRP A 37 LEU A 42 
AA 3 ILE A 25 ? LYS A 31 ? ILE A 25 LYS A 31 
AA 4 TYR A 4  ? VAL A 6  ? TYR A 4  VAL A 6  
AA 5 VAL A 54 ? GLU A 56 ? VAL A 54 GLU A 56 
# 
loop_
_pdbx_struct_sheet_hbond.sheet_id 
_pdbx_struct_sheet_hbond.range_id_1 
_pdbx_struct_sheet_hbond.range_id_2 
_pdbx_struct_sheet_hbond.range_1_label_atom_id 
_pdbx_struct_sheet_hbond.range_1_label_comp_id 
_pdbx_struct_sheet_hbond.range_1_label_asym_id 
_pdbx_struct_sheet_hbond.range_1_label_seq_id 
_pdbx_struct_sheet_hbond.range_1_PDB_ins_code 
_pdbx_struct_sheet_hbond.range_1_auth_atom_id 
_pdbx_struct_sheet_hbond.range_1_auth_comp_id 
_pdbx_struct_sheet_hbond.range_1_auth_asym_id 
_pdbx_struct_sheet_hbond.range_1_auth_seq_id 
_pdbx_struct_sheet_hbond.range_2_label_atom_id 
_pdbx_struct_sheet_hbond.range_2_label_comp_id 
_pdbx_struct_sheet_hbond.range_2_label_asym_id 
_pdbx_struct_sheet_hbond.range_2_label_seq_id 
_pdbx_struct_sheet_hbond.range_2_PDB_ins_code 
_pdbx_struct_sheet_hbond.range_2_auth_atom_id 
_pdbx_struct_sheet_hbond.range_2_auth_comp_id 
_pdbx_struct_sheet_hbond.range_2_auth_asym_id 
_pdbx_struct_sheet_hbond.range_2_auth_seq_id 
AA 1 2 N PHE A 49 ? N PHE A 49 O LEU A 38 ? O LEU A 38 
AA 2 3 N GLU A 41 ? N GLU A 41 O ARG A 27 ? O ARG A 27 
AA 3 4 N ILE A 26 ? N ILE A 26 O TYR A 4  ? O TYR A 4  
AA 4 5 N ILE A 5  ? N ILE A 5  O LYS A 55 ? O LYS A 55 
# 
_pdbx_validate_rmsd_bond.id                        1 
_pdbx_validate_rmsd_bond.PDB_model_num             1 
_pdbx_validate_rmsd_bond.auth_atom_id_1            CZ 
_pdbx_validate_rmsd_bond.auth_asym_id_1            C 
_pdbx_validate_rmsd_bond.auth_comp_id_1            ARG 
_pdbx_validate_rmsd_bond.auth_seq_id_1             330 
_pdbx_validate_rmsd_bond.PDB_ins_code_1            ? 
_pdbx_validate_rmsd_bond.label_alt_id_1            ? 
_pdbx_validate_rmsd_bond.auth_atom_id_2            NH1 
_pdbx_validate_rmsd_bond.auth_asym_id_2            C 
_pdbx_validate_rmsd_bond.auth_comp_id_2            ARG 
_pdbx_validate_rmsd_bond.auth_seq_id_2             330 
_pdbx_validate_rmsd_bond.PDB_ins_code_2            ? 
_pdbx_validate_rmsd_bond.label_alt_id_2            ? 
_pdbx_validate_rmsd_bond.bond_value                1.415 
_pdbx_validate_rmsd_bond.bond_target_value         1.326 
_pdbx_validate_rmsd_bond.bond_deviation            0.089 
_pdbx_validate_rmsd_bond.bond_standard_deviation   0.013 
_pdbx_validate_rmsd_bond.linker_flag               N 
# 
_pdbx_validate_rmsd_angle.id                         1 
_pdbx_validate_rmsd_angle.PDB_model_num              1 
_pdbx_validate_rmsd_angle.auth_atom_id_1             NE 
_pdbx_validate_rmsd_angle.auth_asym_id_1             C 
_pdbx_validate_rmsd_angle.auth_comp_id_1             ARG 
_pdbx_validate_rmsd_angle.auth_seq_id_1              330 
_pdbx_validate_rmsd_angle.PDB_ins_code_1             ? 
_pdbx_validate_rmsd_angle.label_alt_id_1             ? 
_pdbx_validate_rmsd_angle.auth_atom_id_2             CZ 
_pdbx_validate_rmsd_angle.auth_asym_id_2             C 
_pdbx_validate_rmsd_angle.auth_comp_id_2             ARG 
_pdbx_validate_rmsd_angle.auth_seq_id_2              330 
_pdbx_validate_rmsd_angle.PDB_ins_code_2             ? 
_pdbx_validate_rmsd_angle.label_alt_id_2             ? 
_pdbx_validate_rmsd_angle.auth_atom_id_3             NH1 
_pdbx_validate_rmsd_angle.auth_asym_id_3             C 
_pdbx_validate_rmsd_angle.auth_comp_id_3             ARG 
_pdbx_validate_rmsd_angle.auth_seq_id_3              330 
_pdbx_validate_rmsd_angle.PDB_ins_code_3             ? 
_pdbx_validate_rmsd_angle.label_alt_id_3             ? 
_pdbx_validate_rmsd_angle.angle_value                123.31 
_pdbx_validate_rmsd_angle.angle_target_value         120.30 
_pdbx_validate_rmsd_angle.angle_deviation            3.01 
_pdbx_validate_rmsd_angle.angle_standard_deviation   0.50 
_pdbx_validate_rmsd_angle.linker_flag                N 
# 
loop_
_pdbx_validate_torsion.id 
_pdbx_validate_torsion.PDB_model_num 
_pdbx_validate_torsion.auth_comp_id 
_pdbx_validate_torsion.auth_asym_id 
_pdbx_validate_torsion.auth_seq_id 
_pdbx_validate_torsion.PDB_ins_code 
_pdbx_validate_torsion.label_alt_id 
_pdbx_validate_torsion.phi 
_pdbx_validate_torsion.psi 
1 1 VAL A 22  ? ? -38.12 124.98  
2 1 GLU A 34  ? ? -52.31 108.81  
3 1 PRO C 329 ? ? -74.88 -167.43 
# 
_pdbx_struct_special_symmetry.id              1 
_pdbx_struct_special_symmetry.PDB_model_num   1 
_pdbx_struct_special_symmetry.auth_asym_id    A 
_pdbx_struct_special_symmetry.auth_comp_id    HOH 
_pdbx_struct_special_symmetry.auth_seq_id     2002 
_pdbx_struct_special_symmetry.PDB_ins_code    ? 
_pdbx_struct_special_symmetry.label_asym_id   C 
_pdbx_struct_special_symmetry.label_comp_id   HOH 
_pdbx_struct_special_symmetry.label_seq_id    . 
# 
loop_
_pdbx_unobs_or_zero_occ_residues.id 
_pdbx_unobs_or_zero_occ_residues.PDB_model_num 
_pdbx_unobs_or_zero_occ_residues.polymer_flag 
_pdbx_unobs_or_zero_occ_residues.occupancy_flag 
_pdbx_unobs_or_zero_occ_residues.auth_asym_id 
_pdbx_unobs_or_zero_occ_residues.auth_comp_id 
_pdbx_unobs_or_zero_occ_residues.auth_seq_id 
_pdbx_unobs_or_zero_occ_residues.PDB_ins_code 
_pdbx_unobs_or_zero_occ_residues.label_asym_id 
_pdbx_unobs_or_zero_occ_residues.label_comp_id 
_pdbx_unobs_or_zero_occ_residues.label_seq_id 
1 1 Y 1 A MET 1   ? A MET 1  
2 1 Y 1 A ARG 59  ? A ARG 59 
3 1 Y 1 A GLU 60  ? A GLU 60 
4 1 Y 1 A THR 61  ? A THR 61 
5 1 Y 1 A GLU 62  ? A GLU 62 
6 1 Y 1 C LYS 324 ? B LYS 1  
7 1 Y 1 C GLY 325 ? B GLY 2  
8 1 Y 1 C PRO 326 ? B PRO 3  
# 
loop_
_chem_comp_atom.comp_id 
_chem_comp_atom.atom_id 
_chem_comp_atom.type_symbol 
_chem_comp_atom.pdbx_aromatic_flag 
_chem_comp_atom.pdbx_stereo_config 
_chem_comp_atom.pdbx_ordinal 
ALA N    N N N 1   
ALA CA   C N S 2   
ALA C    C N N 3   
ALA O    O N N 4   
ALA CB   C N N 5   
ALA OXT  O N N 6   
ALA H    H N N 7   
ALA H2   H N N 8   
ALA HA   H N N 9   
ALA HB1  H N N 10  
ALA HB2  H N N 11  
ALA HB3  H N N 12  
ALA HXT  H N N 13  
ARG N    N N N 14  
ARG CA   C N S 15  
ARG C    C N N 16  
ARG O    O N N 17  
ARG CB   C N N 18  
ARG CG   C N N 19  
ARG CD   C N N 20  
ARG NE   N N N 21  
ARG CZ   C N N 22  
ARG NH1  N N N 23  
ARG NH2  N N N 24  
ARG OXT  O N N 25  
ARG H    H N N 26  
ARG H2   H N N 27  
ARG HA   H N N 28  
ARG HB2  H N N 29  
ARG HB3  H N N 30  
ARG HG2  H N N 31  
ARG HG3  H N N 32  
ARG HD2  H N N 33  
ARG HD3  H N N 34  
ARG HE   H N N 35  
ARG HH11 H N N 36  
ARG HH12 H N N 37  
ARG HH21 H N N 38  
ARG HH22 H N N 39  
ARG HXT  H N N 40  
ASN N    N N N 41  
ASN CA   C N S 42  
ASN C    C N N 43  
ASN O    O N N 44  
ASN CB   C N N 45  
ASN CG   C N N 46  
ASN OD1  O N N 47  
ASN ND2  N N N 48  
ASN OXT  O N N 49  
ASN H    H N N 50  
ASN H2   H N N 51  
ASN HA   H N N 52  
ASN HB2  H N N 53  
ASN HB3  H N N 54  
ASN HD21 H N N 55  
ASN HD22 H N N 56  
ASN HXT  H N N 57  
ASP N    N N N 58  
ASP CA   C N S 59  
ASP C    C N N 60  
ASP O    O N N 61  
ASP CB   C N N 62  
ASP CG   C N N 63  
ASP OD1  O N N 64  
ASP OD2  O N N 65  
ASP OXT  O N N 66  
ASP H    H N N 67  
ASP H2   H N N 68  
ASP HA   H N N 69  
ASP HB2  H N N 70  
ASP HB3  H N N 71  
ASP HD2  H N N 72  
ASP HXT  H N N 73  
GLN N    N N N 74  
GLN CA   C N S 75  
GLN C    C N N 76  
GLN O    O N N 77  
GLN CB   C N N 78  
GLN CG   C N N 79  
GLN CD   C N N 80  
GLN OE1  O N N 81  
GLN NE2  N N N 82  
GLN OXT  O N N 83  
GLN H    H N N 84  
GLN H2   H N N 85  
GLN HA   H N N 86  
GLN HB2  H N N 87  
GLN HB3  H N N 88  
GLN HG2  H N N 89  
GLN HG3  H N N 90  
GLN HE21 H N N 91  
GLN HE22 H N N 92  
GLN HXT  H N N 93  
GLU N    N N N 94  
GLU CA   C N S 95  
GLU C    C N N 96  
GLU O    O N N 97  
GLU CB   C N N 98  
GLU CG   C N N 99  
GLU CD   C N N 100 
GLU OE1  O N N 101 
GLU OE2  O N N 102 
GLU OXT  O N N 103 
GLU H    H N N 104 
GLU H2   H N N 105 
GLU HA   H N N 106 
GLU HB2  H N N 107 
GLU HB3  H N N 108 
GLU HG2  H N N 109 
GLU HG3  H N N 110 
GLU HE2  H N N 111 
GLU HXT  H N N 112 
GLY N    N N N 113 
GLY CA   C N N 114 
GLY C    C N N 115 
GLY O    O N N 116 
GLY OXT  O N N 117 
GLY H    H N N 118 
GLY H2   H N N 119 
GLY HA2  H N N 120 
GLY HA3  H N N 121 
GLY HXT  H N N 122 
HIS N    N N N 123 
HIS CA   C N S 124 
HIS C    C N N 125 
HIS O    O N N 126 
HIS CB   C N N 127 
HIS CG   C Y N 128 
HIS ND1  N Y N 129 
HIS CD2  C Y N 130 
HIS CE1  C Y N 131 
HIS NE2  N Y N 132 
HIS OXT  O N N 133 
HIS H    H N N 134 
HIS H2   H N N 135 
HIS HA   H N N 136 
HIS HB2  H N N 137 
HIS HB3  H N N 138 
HIS HD1  H N N 139 
HIS HD2  H N N 140 
HIS HE1  H N N 141 
HIS HE2  H N N 142 
HIS HXT  H N N 143 
HOH O    O N N 144 
HOH H1   H N N 145 
HOH H2   H N N 146 
ILE N    N N N 147 
ILE CA   C N S 148 
ILE C    C N N 149 
ILE O    O N N 150 
ILE CB   C N S 151 
ILE CG1  C N N 152 
ILE CG2  C N N 153 
ILE CD1  C N N 154 
ILE OXT  O N N 155 
ILE H    H N N 156 
ILE H2   H N N 157 
ILE HA   H N N 158 
ILE HB   H N N 159 
ILE HG12 H N N 160 
ILE HG13 H N N 161 
ILE HG21 H N N 162 
ILE HG22 H N N 163 
ILE HG23 H N N 164 
ILE HD11 H N N 165 
ILE HD12 H N N 166 
ILE HD13 H N N 167 
ILE HXT  H N N 168 
LEU N    N N N 169 
LEU CA   C N S 170 
LEU C    C N N 171 
LEU O    O N N 172 
LEU CB   C N N 173 
LEU CG   C N N 174 
LEU CD1  C N N 175 
LEU CD2  C N N 176 
LEU OXT  O N N 177 
LEU H    H N N 178 
LEU H2   H N N 179 
LEU HA   H N N 180 
LEU HB2  H N N 181 
LEU HB3  H N N 182 
LEU HG   H N N 183 
LEU HD11 H N N 184 
LEU HD12 H N N 185 
LEU HD13 H N N 186 
LEU HD21 H N N 187 
LEU HD22 H N N 188 
LEU HD23 H N N 189 
LEU HXT  H N N 190 
LYS N    N N N 191 
LYS CA   C N S 192 
LYS C    C N N 193 
LYS O    O N N 194 
LYS CB   C N N 195 
LYS CG   C N N 196 
LYS CD   C N N 197 
LYS CE   C N N 198 
LYS NZ   N N N 199 
LYS OXT  O N N 200 
LYS H    H N N 201 
LYS H2   H N N 202 
LYS HA   H N N 203 
LYS HB2  H N N 204 
LYS HB3  H N N 205 
LYS HG2  H N N 206 
LYS HG3  H N N 207 
LYS HD2  H N N 208 
LYS HD3  H N N 209 
LYS HE2  H N N 210 
LYS HE3  H N N 211 
LYS HZ1  H N N 212 
LYS HZ2  H N N 213 
LYS HZ3  H N N 214 
LYS HXT  H N N 215 
MET N    N N N 216 
MET CA   C N S 217 
MET C    C N N 218 
MET O    O N N 219 
MET CB   C N N 220 
MET CG   C N N 221 
MET SD   S N N 222 
MET CE   C N N 223 
MET OXT  O N N 224 
MET H    H N N 225 
MET H2   H N N 226 
MET HA   H N N 227 
MET HB2  H N N 228 
MET HB3  H N N 229 
MET HG2  H N N 230 
MET HG3  H N N 231 
MET HE1  H N N 232 
MET HE2  H N N 233 
MET HE3  H N N 234 
MET HXT  H N N 235 
PHE N    N N N 236 
PHE CA   C N S 237 
PHE C    C N N 238 
PHE O    O N N 239 
PHE CB   C N N 240 
PHE CG   C Y N 241 
PHE CD1  C Y N 242 
PHE CD2  C Y N 243 
PHE CE1  C Y N 244 
PHE CE2  C Y N 245 
PHE CZ   C Y N 246 
PHE OXT  O N N 247 
PHE H    H N N 248 
PHE H2   H N N 249 
PHE HA   H N N 250 
PHE HB2  H N N 251 
PHE HB3  H N N 252 
PHE HD1  H N N 253 
PHE HD2  H N N 254 
PHE HE1  H N N 255 
PHE HE2  H N N 256 
PHE HZ   H N N 257 
PHE HXT  H N N 258 
PRO N    N N N 259 
PRO CA   C N S 260 
PRO C    C N N 261 
PRO O    O N N 262 
PRO CB   C N N 263 
PRO CG   C N N 264 
PRO CD   C N N 265 
PRO OXT  O N N 266 
PRO H    H N N 267 
PRO HA   H N N 268 
PRO HB2  H N N 269 
PRO HB3  H N N 270 
PRO HG2  H N N 271 
PRO HG3  H N N 272 
PRO HD2  H N N 273 
PRO HD3  H N N 274 
PRO HXT  H N N 275 
THR N    N N N 276 
THR CA   C N S 277 
THR C    C N N 278 
THR O    O N N 279 
THR CB   C N R 280 
THR OG1  O N N 281 
THR CG2  C N N 282 
THR OXT  O N N 283 
THR H    H N N 284 
THR H2   H N N 285 
THR HA   H N N 286 
THR HB   H N N 287 
THR HG1  H N N 288 
THR HG21 H N N 289 
THR HG22 H N N 290 
THR HG23 H N N 291 
THR HXT  H N N 292 
TRP N    N N N 293 
TRP CA   C N S 294 
TRP C    C N N 295 
TRP O    O N N 296 
TRP CB   C N N 297 
TRP CG   C Y N 298 
TRP CD1  C Y N 299 
TRP CD2  C Y N 300 
TRP NE1  N Y N 301 
TRP CE2  C Y N 302 
TRP CE3  C Y N 303 
TRP CZ2  C Y N 304 
TRP CZ3  C Y N 305 
TRP CH2  C Y N 306 
TRP OXT  O N N 307 
TRP H    H N N 308 
TRP H2   H N N 309 
TRP HA   H N N 310 
TRP HB2  H N N 311 
TRP HB3  H N N 312 
TRP HD1  H N N 313 
TRP HE1  H N N 314 
TRP HE3  H N N 315 
TRP HZ2  H N N 316 
TRP HZ3  H N N 317 
TRP HH2  H N N 318 
TRP HXT  H N N 319 
TYR N    N N N 320 
TYR CA   C N S 321 
TYR C    C N N 322 
TYR O    O N N 323 
TYR CB   C N N 324 
TYR CG   C Y N 325 
TYR CD1  C Y N 326 
TYR CD2  C Y N 327 
TYR CE1  C Y N 328 
TYR CE2  C Y N 329 
TYR CZ   C Y N 330 
TYR OH   O N N 331 
TYR OXT  O N N 332 
TYR H    H N N 333 
TYR H2   H N N 334 
TYR HA   H N N 335 
TYR HB2  H N N 336 
TYR HB3  H N N 337 
TYR HD1  H N N 338 
TYR HD2  H N N 339 
TYR HE1  H N N 340 
TYR HE2  H N N 341 
TYR HH   H N N 342 
TYR HXT  H N N 343 
VAL N    N N N 344 
VAL CA   C N S 345 
VAL C    C N N 346 
VAL O    O N N 347 
VAL CB   C N N 348 
VAL CG1  C N N 349 
VAL CG2  C N N 350 
VAL OXT  O N N 351 
VAL H    H N N 352 
VAL H2   H N N 353 
VAL HA   H N N 354 
VAL HB   H N N 355 
VAL HG11 H N N 356 
VAL HG12 H N N 357 
VAL HG13 H N N 358 
VAL HG21 H N N 359 
VAL HG22 H N N 360 
VAL HG23 H N N 361 
VAL HXT  H N N 362 
# 
loop_
_chem_comp_bond.comp_id 
_chem_comp_bond.atom_id_1 
_chem_comp_bond.atom_id_2 
_chem_comp_bond.value_order 
_chem_comp_bond.pdbx_aromatic_flag 
_chem_comp_bond.pdbx_stereo_config 
_chem_comp_bond.pdbx_ordinal 
ALA N   CA   sing N N 1   
ALA N   H    sing N N 2   
ALA N   H2   sing N N 3   
ALA CA  C    sing N N 4   
ALA CA  CB   sing N N 5   
ALA CA  HA   sing N N 6   
ALA C   O    doub N N 7   
ALA C   OXT  sing N N 8   
ALA CB  HB1  sing N N 9   
ALA CB  HB2  sing N N 10  
ALA CB  HB3  sing N N 11  
ALA OXT HXT  sing N N 12  
ARG N   CA   sing N N 13  
ARG N   H    sing N N 14  
ARG N   H2   sing N N 15  
ARG CA  C    sing N N 16  
ARG CA  CB   sing N N 17  
ARG CA  HA   sing N N 18  
ARG C   O    doub N N 19  
ARG C   OXT  sing N N 20  
ARG CB  CG   sing N N 21  
ARG CB  HB2  sing N N 22  
ARG CB  HB3  sing N N 23  
ARG CG  CD   sing N N 24  
ARG CG  HG2  sing N N 25  
ARG CG  HG3  sing N N 26  
ARG CD  NE   sing N N 27  
ARG CD  HD2  sing N N 28  
ARG CD  HD3  sing N N 29  
ARG NE  CZ   sing N N 30  
ARG NE  HE   sing N N 31  
ARG CZ  NH1  sing N N 32  
ARG CZ  NH2  doub N N 33  
ARG NH1 HH11 sing N N 34  
ARG NH1 HH12 sing N N 35  
ARG NH2 HH21 sing N N 36  
ARG NH2 HH22 sing N N 37  
ARG OXT HXT  sing N N 38  
ASN N   CA   sing N N 39  
ASN N   H    sing N N 40  
ASN N   H2   sing N N 41  
ASN CA  C    sing N N 42  
ASN CA  CB   sing N N 43  
ASN CA  HA   sing N N 44  
ASN C   O    doub N N 45  
ASN C   OXT  sing N N 46  
ASN CB  CG   sing N N 47  
ASN CB  HB2  sing N N 48  
ASN CB  HB3  sing N N 49  
ASN CG  OD1  doub N N 50  
ASN CG  ND2  sing N N 51  
ASN ND2 HD21 sing N N 52  
ASN ND2 HD22 sing N N 53  
ASN OXT HXT  sing N N 54  
ASP N   CA   sing N N 55  
ASP N   H    sing N N 56  
ASP N   H2   sing N N 57  
ASP CA  C    sing N N 58  
ASP CA  CB   sing N N 59  
ASP CA  HA   sing N N 60  
ASP C   O    doub N N 61  
ASP C   OXT  sing N N 62  
ASP CB  CG   sing N N 63  
ASP CB  HB2  sing N N 64  
ASP CB  HB3  sing N N 65  
ASP CG  OD1  doub N N 66  
ASP CG  OD2  sing N N 67  
ASP OD2 HD2  sing N N 68  
ASP OXT HXT  sing N N 69  
GLN N   CA   sing N N 70  
GLN N   H    sing N N 71  
GLN N   H2   sing N N 72  
GLN CA  C    sing N N 73  
GLN CA  CB   sing N N 74  
GLN CA  HA   sing N N 75  
GLN C   O    doub N N 76  
GLN C   OXT  sing N N 77  
GLN CB  CG   sing N N 78  
GLN CB  HB2  sing N N 79  
GLN CB  HB3  sing N N 80  
GLN CG  CD   sing N N 81  
GLN CG  HG2  sing N N 82  
GLN CG  HG3  sing N N 83  
GLN CD  OE1  doub N N 84  
GLN CD  NE2  sing N N 85  
GLN NE2 HE21 sing N N 86  
GLN NE2 HE22 sing N N 87  
GLN OXT HXT  sing N N 88  
GLU N   CA   sing N N 89  
GLU N   H    sing N N 90  
GLU N   H2   sing N N 91  
GLU CA  C    sing N N 92  
GLU CA  CB   sing N N 93  
GLU CA  HA   sing N N 94  
GLU C   O    doub N N 95  
GLU C   OXT  sing N N 96  
GLU CB  CG   sing N N 97  
GLU CB  HB2  sing N N 98  
GLU CB  HB3  sing N N 99  
GLU CG  CD   sing N N 100 
GLU CG  HG2  sing N N 101 
GLU CG  HG3  sing N N 102 
GLU CD  OE1  doub N N 103 
GLU CD  OE2  sing N N 104 
GLU OE2 HE2  sing N N 105 
GLU OXT HXT  sing N N 106 
GLY N   CA   sing N N 107 
GLY N   H    sing N N 108 
GLY N   H2   sing N N 109 
GLY CA  C    sing N N 110 
GLY CA  HA2  sing N N 111 
GLY CA  HA3  sing N N 112 
GLY C   O    doub N N 113 
GLY C   OXT  sing N N 114 
GLY OXT HXT  sing N N 115 
HIS N   CA   sing N N 116 
HIS N   H    sing N N 117 
HIS N   H2   sing N N 118 
HIS CA  C    sing N N 119 
HIS CA  CB   sing N N 120 
HIS CA  HA   sing N N 121 
HIS C   O    doub N N 122 
HIS C   OXT  sing N N 123 
HIS CB  CG   sing N N 124 
HIS CB  HB2  sing N N 125 
HIS CB  HB3  sing N N 126 
HIS CG  ND1  sing Y N 127 
HIS CG  CD2  doub Y N 128 
HIS ND1 CE1  doub Y N 129 
HIS ND1 HD1  sing N N 130 
HIS CD2 NE2  sing Y N 131 
HIS CD2 HD2  sing N N 132 
HIS CE1 NE2  sing Y N 133 
HIS CE1 HE1  sing N N 134 
HIS NE2 HE2  sing N N 135 
HIS OXT HXT  sing N N 136 
HOH O   H1   sing N N 137 
HOH O   H2   sing N N 138 
ILE N   CA   sing N N 139 
ILE N   H    sing N N 140 
ILE N   H2   sing N N 141 
ILE CA  C    sing N N 142 
ILE CA  CB   sing N N 143 
ILE CA  HA   sing N N 144 
ILE C   O    doub N N 145 
ILE C   OXT  sing N N 146 
ILE CB  CG1  sing N N 147 
ILE CB  CG2  sing N N 148 
ILE CB  HB   sing N N 149 
ILE CG1 CD1  sing N N 150 
ILE CG1 HG12 sing N N 151 
ILE CG1 HG13 sing N N 152 
ILE CG2 HG21 sing N N 153 
ILE CG2 HG22 sing N N 154 
ILE CG2 HG23 sing N N 155 
ILE CD1 HD11 sing N N 156 
ILE CD1 HD12 sing N N 157 
ILE CD1 HD13 sing N N 158 
ILE OXT HXT  sing N N 159 
LEU N   CA   sing N N 160 
LEU N   H    sing N N 161 
LEU N   H2   sing N N 162 
LEU CA  C    sing N N 163 
LEU CA  CB   sing N N 164 
LEU CA  HA   sing N N 165 
LEU C   O    doub N N 166 
LEU C   OXT  sing N N 167 
LEU CB  CG   sing N N 168 
LEU CB  HB2  sing N N 169 
LEU CB  HB3  sing N N 170 
LEU CG  CD1  sing N N 171 
LEU CG  CD2  sing N N 172 
LEU CG  HG   sing N N 173 
LEU CD1 HD11 sing N N 174 
LEU CD1 HD12 sing N N 175 
LEU CD1 HD13 sing N N 176 
LEU CD2 HD21 sing N N 177 
LEU CD2 HD22 sing N N 178 
LEU CD2 HD23 sing N N 179 
LEU OXT HXT  sing N N 180 
LYS N   CA   sing N N 181 
LYS N   H    sing N N 182 
LYS N   H2   sing N N 183 
LYS CA  C    sing N N 184 
LYS CA  CB   sing N N 185 
LYS CA  HA   sing N N 186 
LYS C   O    doub N N 187 
LYS C   OXT  sing N N 188 
LYS CB  CG   sing N N 189 
LYS CB  HB2  sing N N 190 
LYS CB  HB3  sing N N 191 
LYS CG  CD   sing N N 192 
LYS CG  HG2  sing N N 193 
LYS CG  HG3  sing N N 194 
LYS CD  CE   sing N N 195 
LYS CD  HD2  sing N N 196 
LYS CD  HD3  sing N N 197 
LYS CE  NZ   sing N N 198 
LYS CE  HE2  sing N N 199 
LYS CE  HE3  sing N N 200 
LYS NZ  HZ1  sing N N 201 
LYS NZ  HZ2  sing N N 202 
LYS NZ  HZ3  sing N N 203 
LYS OXT HXT  sing N N 204 
MET N   CA   sing N N 205 
MET N   H    sing N N 206 
MET N   H2   sing N N 207 
MET CA  C    sing N N 208 
MET CA  CB   sing N N 209 
MET CA  HA   sing N N 210 
MET C   O    doub N N 211 
MET C   OXT  sing N N 212 
MET CB  CG   sing N N 213 
MET CB  HB2  sing N N 214 
MET CB  HB3  sing N N 215 
MET CG  SD   sing N N 216 
MET CG  HG2  sing N N 217 
MET CG  HG3  sing N N 218 
MET SD  CE   sing N N 219 
MET CE  HE1  sing N N 220 
MET CE  HE2  sing N N 221 
MET CE  HE3  sing N N 222 
MET OXT HXT  sing N N 223 
PHE N   CA   sing N N 224 
PHE N   H    sing N N 225 
PHE N   H2   sing N N 226 
PHE CA  C    sing N N 227 
PHE CA  CB   sing N N 228 
PHE CA  HA   sing N N 229 
PHE C   O    doub N N 230 
PHE C   OXT  sing N N 231 
PHE CB  CG   sing N N 232 
PHE CB  HB2  sing N N 233 
PHE CB  HB3  sing N N 234 
PHE CG  CD1  doub Y N 235 
PHE CG  CD2  sing Y N 236 
PHE CD1 CE1  sing Y N 237 
PHE CD1 HD1  sing N N 238 
PHE CD2 CE2  doub Y N 239 
PHE CD2 HD2  sing N N 240 
PHE CE1 CZ   doub Y N 241 
PHE CE1 HE1  sing N N 242 
PHE CE2 CZ   sing Y N 243 
PHE CE2 HE2  sing N N 244 
PHE CZ  HZ   sing N N 245 
PHE OXT HXT  sing N N 246 
PRO N   CA   sing N N 247 
PRO N   CD   sing N N 248 
PRO N   H    sing N N 249 
PRO CA  C    sing N N 250 
PRO CA  CB   sing N N 251 
PRO CA  HA   sing N N 252 
PRO C   O    doub N N 253 
PRO C   OXT  sing N N 254 
PRO CB  CG   sing N N 255 
PRO CB  HB2  sing N N 256 
PRO CB  HB3  sing N N 257 
PRO CG  CD   sing N N 258 
PRO CG  HG2  sing N N 259 
PRO CG  HG3  sing N N 260 
PRO CD  HD2  sing N N 261 
PRO CD  HD3  sing N N 262 
PRO OXT HXT  sing N N 263 
THR N   CA   sing N N 264 
THR N   H    sing N N 265 
THR N   H2   sing N N 266 
THR CA  C    sing N N 267 
THR CA  CB   sing N N 268 
THR CA  HA   sing N N 269 
THR C   O    doub N N 270 
THR C   OXT  sing N N 271 
THR CB  OG1  sing N N 272 
THR CB  CG2  sing N N 273 
THR CB  HB   sing N N 274 
THR OG1 HG1  sing N N 275 
THR CG2 HG21 sing N N 276 
THR CG2 HG22 sing N N 277 
THR CG2 HG23 sing N N 278 
THR OXT HXT  sing N N 279 
TRP N   CA   sing N N 280 
TRP N   H    sing N N 281 
TRP N   H2   sing N N 282 
TRP CA  C    sing N N 283 
TRP CA  CB   sing N N 284 
TRP CA  HA   sing N N 285 
TRP C   O    doub N N 286 
TRP C   OXT  sing N N 287 
TRP CB  CG   sing N N 288 
TRP CB  HB2  sing N N 289 
TRP CB  HB3  sing N N 290 
TRP CG  CD1  doub Y N 291 
TRP CG  CD2  sing Y N 292 
TRP CD1 NE1  sing Y N 293 
TRP CD1 HD1  sing N N 294 
TRP CD2 CE2  doub Y N 295 
TRP CD2 CE3  sing Y N 296 
TRP NE1 CE2  sing Y N 297 
TRP NE1 HE1  sing N N 298 
TRP CE2 CZ2  sing Y N 299 
TRP CE3 CZ3  doub Y N 300 
TRP CE3 HE3  sing N N 301 
TRP CZ2 CH2  doub Y N 302 
TRP CZ2 HZ2  sing N N 303 
TRP CZ3 CH2  sing Y N 304 
TRP CZ3 HZ3  sing N N 305 
TRP CH2 HH2  sing N N 306 
TRP OXT HXT  sing N N 307 
TYR N   CA   sing N N 308 
TYR N   H    sing N N 309 
TYR N   H2   sing N N 310 
TYR CA  C    sing N N 311 
TYR CA  CB   sing N N 312 
TYR CA  HA   sing N N 313 
TYR C   O    doub N N 314 
TYR C   OXT  sing N N 315 
TYR CB  CG   sing N N 316 
TYR CB  HB2  sing N N 317 
TYR CB  HB3  sing N N 318 
TYR CG  CD1  doub Y N 319 
TYR CG  CD2  sing Y N 320 
TYR CD1 CE1  sing Y N 321 
TYR CD1 HD1  sing N N 322 
TYR CD2 CE2  doub Y N 323 
TYR CD2 HD2  sing N N 324 
TYR CE1 CZ   doub Y N 325 
TYR CE1 HE1  sing N N 326 
TYR CE2 CZ   sing Y N 327 
TYR CE2 HE2  sing N N 328 
TYR CZ  OH   sing N N 329 
TYR OH  HH   sing N N 330 
TYR OXT HXT  sing N N 331 
VAL N   CA   sing N N 332 
VAL N   H    sing N N 333 
VAL N   H2   sing N N 334 
VAL CA  C    sing N N 335 
VAL CA  CB   sing N N 336 
VAL CA  HA   sing N N 337 
VAL C   O    doub N N 338 
VAL C   OXT  sing N N 339 
VAL CB  CG1  sing N N 340 
VAL CB  CG2  sing N N 341 
VAL CB  HB   sing N N 342 
VAL CG1 HG11 sing N N 343 
VAL CG1 HG12 sing N N 344 
VAL CG1 HG13 sing N N 345 
VAL CG2 HG21 sing N N 346 
VAL CG2 HG22 sing N N 347 
VAL CG2 HG23 sing N N 348 
VAL OXT HXT  sing N N 349 
# 
_pdbx_initial_refinement_model.accession_code   ? 
_pdbx_initial_refinement_model.id               1 
_pdbx_initial_refinement_model.entity_id_list   ? 
_pdbx_initial_refinement_model.type             other 
_pdbx_initial_refinement_model.source_name      ? 
_pdbx_initial_refinement_model.details          'CMSA-CBL-B STRUCTURE' 
# 
_atom_sites.entry_id                    2J6O 
_atom_sites.fract_transf_matrix[1][1]   0.00567113 
_atom_sites.fract_transf_matrix[1][2]   -0.01173030 
_atom_sites.fract_transf_matrix[1][3]   -0.00755659 
_atom_sites.fract_transf_matrix[2][1]   -0.00950871 
_atom_sites.fract_transf_matrix[2][2]   -0.00921854 
_atom_sites.fract_transf_matrix[2][3]   0.00717403 
_atom_sites.fract_transf_matrix[3][1]   -0.00986358 
_atom_sites.fract_transf_matrix[3][2]   0.00199874 
_atom_sites.fract_transf_matrix[3][3]   -0.01050519 
_atom_sites.fract_transf_vector[1]      0.760980 
_atom_sites.fract_transf_vector[2]      0.486859 
_atom_sites.fract_transf_vector[3]      0.186838 
# 
loop_
_atom_type.symbol 
C 
N 
O 
S 
# 
loop_
_atom_site.group_PDB 
_atom_site.id 
_atom_site.type_symbol 
_atom_site.label_atom_id 
_atom_site.label_alt_id 
_atom_site.label_comp_id 
_atom_site.label_asym_id 
_atom_site.label_entity_id 
_atom_site.label_seq_id 
_atom_site.pdbx_PDB_ins_code 
_atom_site.Cartn_x 
_atom_site.Cartn_y 
_atom_site.Cartn_z 
_atom_site.occupancy 
_atom_site.B_iso_or_equiv 
_atom_site.pdbx_formal_charge 
_atom_site.auth_seq_id 
_atom_site.auth_comp_id 
_atom_site.auth_asym_id 
_atom_site.auth_atom_id 
_atom_site.pdbx_PDB_model_num 
ATOM   1   N N   . VAL A 1 2  ? -6.562  -8.004  8.039   1.00  28.47 ? 2    VAL A N   1 
ATOM   2   C CA  . VAL A 1 2  ? -5.080  -8.022  8.216   1.00  27.63 ? 2    VAL A CA  1 
ATOM   3   C C   . VAL A 1 2  ? -4.489  -6.610  8.120   1.00  27.22 ? 2    VAL A C   1 
ATOM   4   O O   . VAL A 1 2  ? -4.997  -5.774  7.376   1.00  27.29 ? 2    VAL A O   1 
ATOM   5   C CB  . VAL A 1 2  ? -4.381  -9.065  7.263   1.00  29.44 ? 2    VAL A CB  1 
ATOM   6   C CG1 . VAL A 1 2  ? -4.815  -8.903  5.798   1.00  30.68 ? 2    VAL A CG1 1 
ATOM   7   C CG2 . VAL A 1 2  ? -2.871  -9.023  7.392   1.00  28.06 ? 2    VAL A CG2 1 
ATOM   8   N N   . ASP A 1 3  ? -3.462  -6.346  8.928   1.00  25.50 ? 3    ASP A N   1 
ATOM   9   C CA  . ASP A 1 3  ? -2.694  -5.104  8.877   1.00  24.73 ? 3    ASP A CA  1 
ATOM   10  C C   . ASP A 1 3  ? -1.310  -5.321  8.258   1.00  23.55 ? 3    ASP A C   1 
ATOM   11  O O   . ASP A 1 3  ? -0.789  -6.425  8.272   1.00  25.41 ? 3    ASP A O   1 
ATOM   12  C CB  . ASP A 1 3  ? -2.582  -4.484  10.268  1.00  24.12 ? 3    ASP A CB  1 
ATOM   13  C CG  . ASP A 1 3  ? -3.918  -3.997  10.801  1.00  23.15 ? 3    ASP A CG  1 
ATOM   14  O OD1 . ASP A 1 3  ? -4.948  -4.208  10.132  1.00  23.64 ? 3    ASP A OD1 1 
ATOM   15  O OD2 . ASP A 1 3  ? -3.946  -3.396  11.894  1.00  27.21 ? 3    ASP A OD2 1 
ATOM   16  N N   . TYR A 1 4  ? -0.756  -4.269  7.665   1.00  22.85 ? 4    TYR A N   1 
ATOM   17  C CA  . TYR A 1 4  ? 0.575   -4.294  7.035   1.00  20.38 ? 4    TYR A CA  1 
ATOM   18  C C   . TYR A 1 4  ? 1.465   -3.197  7.599   1.00  19.62 ? 4    TYR A C   1 
ATOM   19  O O   . TYR A 1 4  ? 0.985   -2.151  8.033   1.00  19.45 ? 4    TYR A O   1 
ATOM   20  C CB  . TYR A 1 4  ? 0.472   -4.107  5.522   1.00  20.51 ? 4    TYR A CB  1 
ATOM   21  C CG  . TYR A 1 4  ? 0.111   -5.356  4.766   1.00  22.09 ? 4    TYR A CG  1 
ATOM   22  C CD1 . TYR A 1 4  ? 1.010   -5.933  3.871   1.00  21.07 ? 4    TYR A CD1 1 
ATOM   23  C CD2 . TYR A 1 4  ? -1.130  -5.963  4.938   1.00  20.17 ? 4    TYR A CD2 1 
ATOM   24  C CE1 . TYR A 1 4  ? 0.681   -7.096  3.159   1.00  21.00 ? 4    TYR A CE1 1 
ATOM   25  C CE2 . TYR A 1 4  ? -1.473  -7.118  4.237   1.00  24.84 ? 4    TYR A CE2 1 
ATOM   26  C CZ  . TYR A 1 4  ? -0.561  -7.679  3.341   1.00  23.27 ? 4    TYR A CZ  1 
ATOM   27  O OH  . TYR A 1 4  ? -0.900  -8.818  2.646   1.00  23.97 ? 4    TYR A OH  1 
ATOM   28  N N   . ILE A 1 5  ? 2.771   -3.446  7.593   1.00  19.64 ? 5    ILE A N   1 
ATOM   29  C CA  . ILE A 1 5  ? 3.756   -2.467  8.041   1.00  17.42 ? 5    ILE A CA  1 
ATOM   30  C C   . ILE A 1 5  ? 4.545   -1.938  6.843   1.00  15.48 ? 5    ILE A C   1 
ATOM   31  O O   . ILE A 1 5  ? 4.955   -2.713  5.986   1.00  13.64 ? 5    ILE A O   1 
ATOM   32  C CB  . ILE A 1 5  ? 4.708   -3.067  9.108   1.00  17.05 ? 5    ILE A CB  1 
ATOM   33  C CG1 . ILE A 1 5  ? 5.622   -1.988  9.674   1.00  18.26 ? 5    ILE A CG1 1 
ATOM   34  C CG2 . ILE A 1 5  ? 5.512   -4.257  8.567   1.00  17.24 ? 5    ILE A CG2 1 
ATOM   35  C CD1 . ILE A 1 5  ? 6.620   -2.530  10.649  1.00  21.64 ? 5    ILE A CD1 1 
ATOM   36  N N   . VAL A 1 6  ? 4.753   -0.627  6.782   1.00  14.88 ? 6    VAL A N   1 
ATOM   37  C CA  . VAL A 1 6  ? 5.477   -0.052  5.647   1.00  16.39 ? 6    VAL A CA  1 
ATOM   38  C C   . VAL A 1 6  ? 6.958   -0.211  5.885   1.00  16.73 ? 6    VAL A C   1 
ATOM   39  O O   . VAL A 1 6  ? 7.453   0.163   6.951   1.00  16.60 ? 6    VAL A O   1 
ATOM   40  C CB  . VAL A 1 6  ? 5.096   1.435   5.370   1.00  14.83 ? 6    VAL A CB  1 
ATOM   41  C CG1 . VAL A 1 6  ? 5.714   1.911   4.069   1.00  13.66 ? 6    VAL A CG1 1 
ATOM   42  C CG2 . VAL A 1 6  ? 3.610   1.580   5.278   1.00  14.68 ? 6    VAL A CG2 1 
ATOM   43  N N   . GLU A 1 7  ? 7.644   -0.793  4.896   1.00  18.22 ? 7    GLU A N   1 
ATOM   44  C CA  . GLU A 1 7  ? 9.091   -1.032  4.937   1.00  19.75 ? 7    GLU A CA  1 
ATOM   45  C C   . GLU A 1 7  ? 9.892   -0.113  4.026   1.00  19.66 ? 7    GLU A C   1 
ATOM   46  O O   . GLU A 1 7  ? 11.083  0.099   4.249   1.00  19.94 ? 7    GLU A O   1 
ATOM   47  C CB  . GLU A 1 7  ? 9.422   -2.469  4.530   1.00  22.09 ? 7    GLU A CB  1 
ATOM   48  C CG  . GLU A 1 7  ? 8.507   -3.519  5.083   1.00  24.09 ? 7    GLU A CG  1 
ATOM   49  C CD  . GLU A 1 7  ? 9.280   -4.628  5.721   1.00  26.56 ? 7    GLU A CD  1 
ATOM   50  O OE1 . GLU A 1 7  ? 9.811   -4.377  6.823   1.00  30.58 ? 7    GLU A OE1 1 
ATOM   51  O OE2 . GLU A 1 7  ? 9.366   -5.729  5.131   1.00  25.20 ? 7    GLU A OE2 1 
ATOM   52  N N   . TYR A 1 8  ? 9.243   0.385   2.977   1.00  20.46 ? 8    TYR A N   1 
ATOM   53  C CA  . TYR A 1 8  ? 9.867   1.292   2.014   1.00  18.95 ? 8    TYR A CA  1 
ATOM   54  C C   . TYR A 1 8  ? 8.898   2.396   1.675   1.00  19.02 ? 8    TYR A C   1 
ATOM   55  O O   . TYR A 1 8  ? 7.717   2.137   1.443   1.00  15.87 ? 8    TYR A O   1 
ATOM   56  C CB  . TYR A 1 8  ? 10.242  0.541   0.730   1.00  21.85 ? 8    TYR A CB  1 
ATOM   57  C CG  . TYR A 1 8  ? 11.250  -0.564  0.927   1.00  18.43 ? 8    TYR A CG  1 
ATOM   58  C CD1 . TYR A 1 8  ? 10.843  -1.888  1.051   1.00  20.37 ? 8    TYR A CD1 1 
ATOM   59  C CD2 . TYR A 1 8  ? 12.616  -0.280  0.999   1.00  19.22 ? 8    TYR A CD2 1 
ATOM   60  C CE1 . TYR A 1 8  ? 11.767  -2.918  1.238   1.00  20.58 ? 8    TYR A CE1 1 
ATOM   61  C CE2 . TYR A 1 8  ? 13.551  -1.296  1.194   1.00  20.17 ? 8    TYR A CE2 1 
ATOM   62  C CZ  . TYR A 1 8  ? 13.124  -2.609  1.302   1.00  21.70 ? 8    TYR A CZ  1 
ATOM   63  O OH  . TYR A 1 8  ? 14.055  -3.613  1.483   1.00  22.64 ? 8    TYR A OH  1 
ATOM   64  N N   . ASP A 1 9  ? 9.401   3.626   1.647   1.00  19.32 ? 9    ASP A N   1 
ATOM   65  C CA  . ASP A 1 9  ? 8.617   4.791   1.259   1.00  19.54 ? 9    ASP A CA  1 
ATOM   66  C C   . ASP A 1 9  ? 8.021   4.632   -0.135  1.00  19.44 ? 9    ASP A C   1 
ATOM   67  O O   . ASP A 1 9  ? 8.666   4.101   -1.045  1.00  22.24 ? 9    ASP A O   1 
ATOM   68  C CB  . ASP A 1 9  ? 9.485   6.059   1.320   1.00  19.40 ? 9    ASP A CB  1 
ATOM   69  C CG  . ASP A 1 9  ? 9.931   6.404   2.733   1.00  19.30 ? 9    ASP A CG  1 
ATOM   70  O OD1 . ASP A 1 9  ? 9.408   5.840   3.720   1.00  22.70 ? 9    ASP A OD1 1 
ATOM   71  O OD2 . ASP A 1 9  ? 10.836  7.238   2.869   1.00  22.49 ? 9    ASP A OD2 1 
ATOM   72  N N   . TYR A 1 10 ? 6.776   5.065   -0.294  1.00  19.80 ? 10   TYR A N   1 
ATOM   73  C CA  . TYR A 1 10 ? 6.138   5.092   -1.606  1.00  19.14 ? 10   TYR A CA  1 
ATOM   74  C C   . TYR A 1 10 ? 5.285   6.350   -1.749  1.00  19.27 ? 10   TYR A C   1 
ATOM   75  O O   . TYR A 1 10 ? 4.524   6.690   -0.852  1.00  19.65 ? 10   TYR A O   1 
ATOM   76  C CB  . TYR A 1 10 ? 5.287   3.838   -1.846  1.00  18.98 ? 10   TYR A CB  1 
ATOM   77  C CG  . TYR A 1 10 ? 4.529   3.919   -3.147  1.00  18.21 ? 10   TYR A CG  1 
ATOM   78  C CD1 . TYR A 1 10 ? 3.180   4.278   -3.169  1.00  18.09 ? 10   TYR A CD1 1 
ATOM   79  C CD2 . TYR A 1 10 ? 5.172   3.690   -4.353  1.00  16.11 ? 10   TYR A CD2 1 
ATOM   80  C CE1 . TYR A 1 10 ? 2.488   4.384   -4.362  1.00  17.82 ? 10   TYR A CE1 1 
ATOM   81  C CE2 . TYR A 1 10 ? 4.500   3.797   -5.540  1.00  18.99 ? 10   TYR A CE2 1 
ATOM   82  C CZ  . TYR A 1 10 ? 3.161   4.154   -5.546  1.00  19.73 ? 10   TYR A CZ  1 
ATOM   83  O OH  . TYR A 1 10 ? 2.510   4.249   -6.749  1.00  19.88 ? 10   TYR A OH  1 
ATOM   84  N N   . ASP A 1 11 ? 5.420   7.032   -2.881  1.00  20.91 ? 11   ASP A N   1 
ATOM   85  C CA  . ASP A 1 11 ? 4.628   8.232   -3.149  1.00  21.74 ? 11   ASP A CA  1 
ATOM   86  C C   . ASP A 1 11 ? 3.541   7.944   -4.181  1.00  21.42 ? 11   ASP A C   1 
ATOM   87  O O   . ASP A 1 11 ? 3.822   7.354   -5.222  1.00  22.26 ? 11   ASP A O   1 
ATOM   88  C CB  . ASP A 1 11 ? 5.514   9.372   -3.645  1.00  22.27 ? 11   ASP A CB  1 
ATOM   89  C CG  . ASP A 1 11 ? 6.540   9.814   -2.631  1.00  23.57 ? 11   ASP A CG  1 
ATOM   90  O OD1 . ASP A 1 11 ? 7.663   10.154  -3.067  1.00  26.05 ? 11   ASP A OD1 1 
ATOM   91  O OD2 . ASP A 1 11 ? 6.238   9.837   -1.414  1.00  24.76 ? 11   ASP A OD2 1 
ATOM   92  N N   . ALA A 1 12 ? 2.310   8.363   -3.882  1.00  20.92 ? 12   ALA A N   1 
ATOM   93  C CA  . ALA A 1 12 ? 1.178   8.218   -4.794  1.00  22.85 ? 12   ALA A CA  1 
ATOM   94  C C   . ALA A 1 12 ? 1.442   8.892   -6.142  1.00  25.49 ? 12   ALA A C   1 
ATOM   95  O O   . ALA A 1 12 ? 2.080   9.954   -6.212  1.00  26.15 ? 12   ALA A O   1 
ATOM   96  C CB  . ALA A 1 12 ? -0.090  8.775   -4.161  1.00  20.93 ? 12   ALA A CB  1 
ATOM   97  N N   . VAL A 1 13 ? 0.974   8.237   -7.203  1.00  27.78 ? 13   VAL A N   1 
ATOM   98  C CA  A VAL A 1 13 ? 1.066   8.791   -8.552  0.50  28.61 ? 13   VAL A CA  1 
ATOM   99  C CA  B VAL A 1 13 ? 1.075   8.725   -8.583  0.50  28.79 ? 13   VAL A CA  1 
ATOM   100 C C   . VAL A 1 13 ? -0.327  9.067   -9.108  1.00  29.89 ? 13   VAL A C   1 
ATOM   101 O O   . VAL A 1 13 ? -0.474  9.774   -10.096 1.00  31.71 ? 13   VAL A O   1 
ATOM   102 C CB  A VAL A 1 13 ? 1.922   7.920   -9.527  0.50  28.07 ? 13   VAL A CB  1 
ATOM   103 C CB  B VAL A 1 13 ? 1.768   7.674   -9.499  0.50  28.28 ? 13   VAL A CB  1 
ATOM   104 C CG1 A VAL A 1 13 ? 3.303   7.639   -8.946  0.50  26.47 ? 13   VAL A CG1 1 
ATOM   105 C CG1 B VAL A 1 13 ? 2.015   8.226   -10.906 0.50  30.11 ? 13   VAL A CG1 1 
ATOM   106 C CG2 A VAL A 1 13 ? 1.221   6.629   -9.892  0.50  28.31 ? 13   VAL A CG2 1 
ATOM   107 C CG2 B VAL A 1 13 ? 3.084   7.212   -8.891  0.50  26.35 ? 13   VAL A CG2 1 
ATOM   108 N N   . HIS A 1 14 ? -1.352  8.522   -8.445  1.00  31.70 ? 14   HIS A N   1 
ATOM   109 C CA  . HIS A 1 14 ? -2.754  8.840   -8.719  1.00  32.50 ? 14   HIS A CA  1 
ATOM   110 C C   . HIS A 1 14 ? -3.454  9.093   -7.388  1.00  32.86 ? 14   HIS A C   1 
ATOM   111 O O   . HIS A 1 14 ? -2.971  8.659   -6.344  1.00  33.89 ? 14   HIS A O   1 
ATOM   112 C CB  . HIS A 1 14 ? -3.444  7.706   -9.476  1.00  33.28 ? 14   HIS A CB  1 
ATOM   113 C CG  . HIS A 1 14 ? -2.686  7.235   -10.672 1.00  35.00 ? 14   HIS A CG  1 
ATOM   114 N ND1 . HIS A 1 14 ? -2.460  8.038   -11.771 1.00  35.25 ? 14   HIS A ND1 1 
ATOM   115 C CD2 . HIS A 1 14 ? -2.087  6.051   -10.937 1.00  35.89 ? 14   HIS A CD2 1 
ATOM   116 C CE1 . HIS A 1 14 ? -1.749  7.370   -12.659 1.00  36.93 ? 14   HIS A CE1 1 
ATOM   117 N NE2 . HIS A 1 14 ? -1.508  6.161   -12.177 1.00  37.29 ? 14   HIS A NE2 1 
ATOM   118 N N   . ASP A 1 15 ? -4.587  9.791   -7.424  1.00  33.94 ? 15   ASP A N   1 
ATOM   119 C CA  . ASP A 1 15 ? -5.308  10.189  -6.212  1.00  35.16 ? 15   ASP A CA  1 
ATOM   120 C C   . ASP A 1 15 ? -5.921  9.004   -5.437  1.00  33.77 ? 15   ASP A C   1 
ATOM   121 O O   . ASP A 1 15 ? -6.460  9.173   -4.340  1.00  32.75 ? 15   ASP A O   1 
ATOM   122 C CB  . ASP A 1 15 ? -6.416  11.206  -6.551  1.00  38.42 ? 15   ASP A CB  1 
ATOM   123 C CG  . ASP A 1 15 ? -5.898  12.453  -7.274  1.00  42.27 ? 15   ASP A CG  1 
ATOM   124 O OD1 . ASP A 1 15 ? -6.646  12.968  -8.139  1.00  43.52 ? 15   ASP A OD1 1 
ATOM   125 O OD2 . ASP A 1 15 ? -4.768  12.927  -6.985  1.00  45.18 ? 15   ASP A OD2 1 
ATOM   126 N N   . ASP A 1 16 ? -5.850  7.813   -6.019  1.00  32.66 ? 16   ASP A N   1 
ATOM   127 C CA  . ASP A 1 16 ? -6.401  6.618   -5.384  1.00  32.09 ? 16   ASP A CA  1 
ATOM   128 C C   . ASP A 1 16 ? -5.338  5.710   -4.735  1.00  28.99 ? 16   ASP A C   1 
ATOM   129 O O   . ASP A 1 16 ? -5.661  4.679   -4.145  1.00  29.32 ? 16   ASP A O   1 
ATOM   130 C CB  . ASP A 1 16 ? -7.276  5.841   -6.382  1.00  33.11 ? 16   ASP A CB  1 
ATOM   131 C CG  . ASP A 1 16 ? -6.519  5.394   -7.626  1.00  34.80 ? 16   ASP A CG  1 
ATOM   132 O OD1 . ASP A 1 16 ? -7.187  4.901   -8.557  1.00  35.42 ? 16   ASP A OD1 1 
ATOM   133 O OD2 . ASP A 1 16 ? -5.275  5.513   -7.689  1.00  35.07 ? 16   ASP A OD2 1 
ATOM   134 N N   . GLU A 1 17 ? -4.076  6.093   -4.868  1.00  26.24 ? 17   GLU A N   1 
ATOM   135 C CA  . GLU A 1 17 ? -2.980  5.385   -4.225  1.00  25.30 ? 17   GLU A CA  1 
ATOM   136 C C   . GLU A 1 17 ? -2.693  6.043   -2.897  1.00  24.54 ? 17   GLU A C   1 
ATOM   137 O O   . GLU A 1 17 ? -3.085  7.185   -2.694  1.00  25.14 ? 17   GLU A O   1 
ATOM   138 C CB  . GLU A 1 17 ? -1.730  5.406   -5.114  1.00  23.95 ? 17   GLU A CB  1 
ATOM   139 C CG  . GLU A 1 17 ? -1.948  4.700   -6.424  1.00  20.42 ? 17   GLU A CG  1 
ATOM   140 C CD  . GLU A 1 17 ? -0.774  4.773   -7.358  1.00  21.71 ? 17   GLU A CD  1 
ATOM   141 O OE1 . GLU A 1 17 ? 0.156   5.560   -7.128  1.00  20.15 ? 17   GLU A OE1 1 
ATOM   142 O OE2 . GLU A 1 17 ? -0.781  4.028   -8.343  1.00  21.61 ? 17   GLU A OE2 1 
ATOM   143 N N   . LEU A 1 18 ? -2.023  5.335   -1.984  1.00  23.56 ? 18   LEU A N   1 
ATOM   144 C CA  . LEU A 1 18 ? -1.575  5.970   -0.737  1.00  20.54 ? 18   LEU A CA  1 
ATOM   145 C C   . LEU A 1 18 ? -0.114  6.417   -0.796  1.00  19.54 ? 18   LEU A C   1 
ATOM   146 O O   . LEU A 1 18 ? 0.724   5.727   -1.357  1.00  17.41 ? 18   LEU A O   1 
ATOM   147 C CB  . LEU A 1 18 ? -1.738  5.009   0.446   1.00  21.20 ? 18   LEU A CB  1 
ATOM   148 C CG  . LEU A 1 18 ? -3.092  4.555   0.972   1.00  20.22 ? 18   LEU A CG  1 
ATOM   149 C CD1 . LEU A 1 18 ? -2.859  3.447   1.977   1.00  19.20 ? 18   LEU A CD1 1 
ATOM   150 C CD2 . LEU A 1 18 ? -3.840  5.722   1.619   1.00  19.15 ? 18   LEU A CD2 1 
ATOM   151 N N   . THR A 1 19 ? 0.183   7.570   -0.199  1.00  20.31 ? 19   THR A N   1 
ATOM   152 C CA  . THR A 1 19 ? 1.562   7.951   0.113   1.00  20.55 ? 19   THR A CA  1 
ATOM   153 C C   . THR A 1 19 ? 1.869   7.455   1.518   1.00  19.06 ? 19   THR A C   1 
ATOM   154 O O   . THR A 1 19 ? 1.221   7.865   2.477   1.00  18.35 ? 19   THR A O   1 
ATOM   155 C CB  . THR A 1 19 ? 1.790   9.465   0.035   1.00  20.16 ? 19   THR A CB  1 
ATOM   156 O OG1 . THR A 1 19 ? 1.525   9.908   -1.296  1.00  22.84 ? 19   THR A OG1 1 
ATOM   157 C CG2 . THR A 1 19 ? 3.226   9.796   0.373   1.00  22.41 ? 19   THR A CG2 1 
ATOM   158 N N   . ILE A 1 20 ? 2.858   6.571   1.615   1.00  19.37 ? 20   ILE A N   1 
ATOM   159 C CA  . ILE A 1 20 ? 3.100   5.765   2.810   1.00  16.93 ? 20   ILE A CA  1 
ATOM   160 C C   . ILE A 1 20 ? 4.561   5.931   3.214   1.00  15.57 ? 20   ILE A C   1 
ATOM   161 O O   . ILE A 1 20 ? 5.385   6.223   2.367   1.00  15.48 ? 20   ILE A O   1 
ATOM   162 C CB  . ILE A 1 20 ? 2.774   4.264   2.558   1.00  18.29 ? 20   ILE A CB  1 
ATOM   163 C CG1 . ILE A 1 20 ? 3.526   3.731   1.327   1.00  16.61 ? 20   ILE A CG1 1 
ATOM   164 C CG2 . ILE A 1 20 ? 1.228   4.044   2.436   1.00  15.26 ? 20   ILE A CG2 1 
ATOM   165 C CD1 . ILE A 1 20 ? 3.332   2.246   1.046   1.00  16.92 ? 20   ILE A CD1 1 
ATOM   166 N N   . ARG A 1 21 ? 4.872   5.777   4.500   1.00  15.18 ? 21   ARG A N   1 
ATOM   167 C CA  . ARG A 1 21 ? 6.251   5.971   4.991   1.00  17.91 ? 21   ARG A CA  1 
ATOM   168 C C   . ARG A 1 21 ? 6.742   4.852   5.912   1.00  18.31 ? 21   ARG A C   1 
ATOM   169 O O   . ARG A 1 21 ? 5.973   4.340   6.751   1.00  16.91 ? 21   ARG A O   1 
ATOM   170 C CB  . ARG A 1 21 ? 6.380   7.321   5.719   1.00  17.50 ? 21   ARG A CB  1 
ATOM   171 C CG  . ARG A 1 21 ? 6.265   8.539   4.825   1.00  16.96 ? 21   ARG A CG  1 
ATOM   172 C CD  . ARG A 1 21 ? 7.543   8.758   4.070   1.00  15.75 ? 21   ARG A CD  1 
ATOM   173 N NE  . ARG A 1 21 ? 7.433   9.838   3.103   1.00  17.98 ? 21   ARG A NE  1 
ATOM   174 C CZ  . ARG A 1 21 ? 6.899   9.705   1.891   1.00  18.72 ? 21   ARG A CZ  1 
ATOM   175 N NH1 . ARG A 1 21 ? 6.854   10.746  1.070   1.00  15.98 ? 21   ARG A NH1 1 
ATOM   176 N NH2 . ARG A 1 21 ? 6.404   8.535   1.499   1.00  18.32 ? 21   ARG A NH2 1 
ATOM   177 N N   . VAL A 1 22 ? 8.026   4.496   5.772   1.00  17.47 ? 22   VAL A N   1 
ATOM   178 C CA  . VAL A 1 22 ? 8.649   3.447   6.594   1.00  15.85 ? 22   VAL A CA  1 
ATOM   179 C C   . VAL A 1 22 ? 8.161   3.477   8.051   1.00  16.32 ? 22   VAL A C   1 
ATOM   180 O O   . VAL A 1 22 ? 8.248   4.510   8.710   1.00  16.12 ? 22   VAL A O   1 
ATOM   181 C CB  . VAL A 1 22 ? 10.184  3.539   6.595   1.00  14.89 ? 22   VAL A CB  1 
ATOM   182 C CG1 . VAL A 1 22 ? 10.755  2.747   7.761   1.00  8.42  ? 22   VAL A CG1 1 
ATOM   183 C CG2 . VAL A 1 22 ? 10.772  3.052   5.272   1.00  16.01 ? 22   VAL A CG2 1 
ATOM   184 N N   . GLY A 1 23 ? 7.648   2.350   8.540   1.00  15.88 ? 23   GLY A N   1 
ATOM   185 C CA  . GLY A 1 23 ? 7.179   2.266   9.923   1.00  17.17 ? 23   GLY A CA  1 
ATOM   186 C C   . GLY A 1 23 ? 5.679   2.416   10.143  1.00  18.82 ? 23   GLY A C   1 
ATOM   187 O O   . GLY A 1 23 ? 5.162   2.005   11.189  1.00  17.98 ? 23   GLY A O   1 
ATOM   188 N N   . GLU A 1 24 ? 4.981   3.028   9.185   1.00  16.59 ? 24   GLU A N   1 
ATOM   189 C CA  . GLU A 1 24 ? 3.542   3.198   9.285   1.00  15.26 ? 24   GLU A CA  1 
ATOM   190 C C   . GLU A 1 24 ? 2.786   1.869   9.167   1.00  15.26 ? 24   GLU A C   1 
ATOM   191 O O   . GLU A 1 24 ? 3.197   0.985   8.435   1.00  13.41 ? 24   GLU A O   1 
ATOM   192 C CB  . GLU A 1 24 ? 3.054   4.203   8.235   1.00  15.08 ? 24   GLU A CB  1 
ATOM   193 C CG  . GLU A 1 24 ? 3.466   5.636   8.591   1.00  12.07 ? 24   GLU A CG  1 
ATOM   194 C CD  . GLU A 1 24 ? 2.881   6.686   7.689   1.00  14.29 ? 24   GLU A CD  1 
ATOM   195 O OE1 . GLU A 1 24 ? 2.531   7.770   8.217   1.00  14.81 ? 24   GLU A OE1 1 
ATOM   196 O OE2 . GLU A 1 24 ? 2.782   6.454   6.460   1.00  15.06 ? 24   GLU A OE2 1 
ATOM   197 N N   . ILE A 1 25 ? 1.680   1.747   9.894   1.00  15.57 ? 25   ILE A N   1 
ATOM   198 C CA  . ILE A 1 25 ? 0.836   0.569   9.830   1.00  16.69 ? 25   ILE A CA  1 
ATOM   199 C C   . ILE A 1 25 ? -0.375  0.927   8.976   1.00  17.86 ? 25   ILE A C   1 
ATOM   200 O O   . ILE A 1 25 ? -1.006  1.964   9.199   1.00  19.05 ? 25   ILE A O   1 
ATOM   201 C CB  . ILE A 1 25 ? 0.387   0.061   11.252  1.00  17.79 ? 25   ILE A CB  1 
ATOM   202 C CG1 . ILE A 1 25 ? 1.583   -0.116  12.217  1.00  17.49 ? 25   ILE A CG1 1 
ATOM   203 C CG2 . ILE A 1 25 ? -0.500  -1.200  11.169  1.00  15.26 ? 25   ILE A CG2 1 
ATOM   204 C CD1 . ILE A 1 25 ? 2.513   -1.247  11.899  1.00  20.95 ? 25   ILE A CD1 1 
ATOM   205 N N   . ILE A 1 26 ? -0.655  0.077   7.983   1.00  17.28 ? 26   ILE A N   1 
ATOM   206 C CA  A ILE A 1 26 ? -1.829  0.225   7.135   0.50  16.69 ? 26   ILE A CA  1 
ATOM   207 C CA  B ILE A 1 26 ? -1.826  0.207   7.116   0.50  16.66 ? 26   ILE A CA  1 
ATOM   208 C C   . ILE A 1 26 ? -2.865  -0.806  7.601   1.00  17.06 ? 26   ILE A C   1 
ATOM   209 O O   . ILE A 1 26 ? -2.567  -1.983  7.695   1.00  18.52 ? 26   ILE A O   1 
ATOM   210 C CB  A ILE A 1 26 ? -1.465  0.079   5.627   0.50  17.01 ? 26   ILE A CB  1 
ATOM   211 C CB  B ILE A 1 26 ? -1.483  -0.065  5.613   0.50  16.41 ? 26   ILE A CB  1 
ATOM   212 C CG1 A ILE A 1 26 ? -0.281  1.002   5.283   0.50  16.38 ? 26   ILE A CG1 1 
ATOM   213 C CG1 B ILE A 1 26 ? -0.162  0.608   5.196   0.50  14.75 ? 26   ILE A CG1 1 
ATOM   214 C CG2 A ILE A 1 26 ? -2.683  0.376   4.744   0.50  14.54 ? 26   ILE A CG2 1 
ATOM   215 C CG2 B ILE A 1 26 ? -2.655  0.334   4.703   0.50  13.92 ? 26   ILE A CG2 1 
ATOM   216 C CD1 A ILE A 1 26 ? 0.324   0.804   3.911   0.50  14.81 ? 26   ILE A CD1 1 
ATOM   217 C CD1 B ILE A 1 26 ? -0.143  2.123   5.349   0.50  11.18 ? 26   ILE A CD1 1 
ATOM   218 N N   . ARG A 1 27 ? -4.076  -0.339  7.921   1.00  18.57 ? 27   ARG A N   1 
ATOM   219 C CA  . ARG A 1 27 ? -5.125  -1.187  8.508   1.00  19.72 ? 27   ARG A CA  1 
ATOM   220 C C   . ARG A 1 27 ? -6.123  -1.768  7.527   1.00  20.30 ? 27   ARG A C   1 
ATOM   221 O O   . ARG A 1 27 ? -6.489  -1.120  6.541   1.00  20.29 ? 27   ARG A O   1 
ATOM   222 C CB  . ARG A 1 27 ? -5.955  -0.399  9.506   1.00  20.00 ? 27   ARG A CB  1 
ATOM   223 C CG  . ARG A 1 27 ? -5.177  0.356   10.506  1.00  20.63 ? 27   ARG A CG  1 
ATOM   224 C CD  . ARG A 1 27 ? -6.045  1.467   11.005  1.00  21.55 ? 27   ARG A CD  1 
ATOM   225 N NE  . ARG A 1 27 ? -5.575  1.908   12.293  1.00  19.42 ? 27   ARG A NE  1 
ATOM   226 C CZ  . ARG A 1 27 ? -6.335  2.456   13.214  1.00  19.92 ? 27   ARG A CZ  1 
ATOM   227 N NH1 . ARG A 1 27 ? -7.638  2.650   13.003  1.00  18.94 ? 27   ARG A NH1 1 
ATOM   228 N NH2 . ARG A 1 27 ? -5.775  2.804   14.352  1.00  20.17 ? 27   ARG A NH2 1 
ATOM   229 N N   . ASN A 1 28 ? -6.592  -2.974  7.846   1.00  21.66 ? 28   ASN A N   1 
ATOM   230 C CA  . ASN A 1 28 ? -7.764  -3.565  7.189   1.00  22.30 ? 28   ASN A CA  1 
ATOM   231 C C   . ASN A 1 28 ? -7.483  -3.727  5.681   1.00  24.05 ? 28   ASN A C   1 
ATOM   232 O O   . ASN A 1 28 ? -8.217  -3.236  4.799   1.00  22.02 ? 28   ASN A O   1 
ATOM   233 C CB  . ASN A 1 28 ? -8.999  -2.716  7.536   1.00  22.17 ? 28   ASN A CB  1 
ATOM   234 C CG  . ASN A 1 28 ? -10.279 -3.183  6.867   1.00  19.53 ? 28   ASN A CG  1 
ATOM   235 O OD1 . ASN A 1 28 ? -11.154 -2.365  6.612   1.00  22.18 ? 28   ASN A OD1 1 
ATOM   236 N ND2 . ASN A 1 28 ? -10.401 -4.473  6.595   1.00  17.78 ? 28   ASN A ND2 1 
ATOM   237 N N   . VAL A 1 29 ? -6.381  -4.435  5.426   1.00  24.67 ? 29   VAL A N   1 
ATOM   238 C CA  . VAL A 1 29 ? -5.763  -4.524  4.111   1.00  24.71 ? 29   VAL A CA  1 
ATOM   239 C C   . VAL A 1 29 ? -6.265  -5.714  3.291   1.00  26.15 ? 29   VAL A C   1 
ATOM   240 O O   . VAL A 1 29 ? -6.213  -6.866  3.731   1.00  24.81 ? 29   VAL A O   1 
ATOM   241 C CB  . VAL A 1 29 ? -4.224  -4.595  4.227   1.00  24.09 ? 29   VAL A CB  1 
ATOM   242 C CG1 . VAL A 1 29 ? -3.582  -4.867  2.862   1.00  22.48 ? 29   VAL A CG1 1 
ATOM   243 C CG2 . VAL A 1 29 ? -3.681  -3.341  4.859   1.00  22.75 ? 29   VAL A CG2 1 
ATOM   244 N N   . LYS A 1 30 ? -6.726  -5.398  2.084   1.00  28.66 ? 30   LYS A N   1 
ATOM   245 C CA  . LYS A 1 30 ? -7.309  -6.361  1.160   1.00  30.94 ? 30   LYS A CA  1 
ATOM   246 C C   . LYS A 1 30 ? -6.475  -6.463  -0.129  1.00  30.52 ? 30   LYS A C   1 
ATOM   247 O O   . LYS A 1 30 ? -5.993  -5.462  -0.659  1.00  28.63 ? 30   LYS A O   1 
ATOM   248 C CB  . LYS A 1 30 ? -8.761  -5.965  0.851   1.00  32.04 ? 30   LYS A CB  1 
ATOM   249 C CG  . LYS A 1 30 ? -9.738  -6.222  2.015   1.00  36.67 ? 30   LYS A CG  1 
ATOM   250 C CD  . LYS A 1 30 ? -10.518 -4.949  2.387   1.00  40.00 ? 30   LYS A CD  1 
ATOM   251 C CE  . LYS A 1 30 ? -11.889 -5.261  2.986   1.00  40.13 ? 30   LYS A CE  1 
ATOM   252 N NZ  . LYS A 1 30 ? -12.806 -4.077  2.850   1.00  42.51 ? 30   LYS A NZ  1 
ATOM   253 N N   . LYS A 1 31 ? -6.303  -7.695  -0.598  1.00  31.66 ? 31   LYS A N   1 
ATOM   254 C CA  . LYS A 1 31 ? -5.629  -8.004  -1.851  1.00  32.46 ? 31   LYS A CA  1 
ATOM   255 C C   . LYS A 1 31 ? -6.597  -7.738  -3.011  1.00  33.31 ? 31   LYS A C   1 
ATOM   256 O O   . LYS A 1 31 ? -7.768  -8.125  -2.947  1.00  32.74 ? 31   LYS A O   1 
ATOM   257 C CB  . LYS A 1 31 ? -5.182  -9.472  -1.827  1.00  31.76 ? 31   LYS A CB  1 
ATOM   258 C CG  . LYS A 1 31 ? -4.044  -9.851  -2.767  0.010 32.47 ? 31   LYS A CG  1 
ATOM   259 C CD  . LYS A 1 31 ? -2.689  -9.915  -2.052  0.010 32.64 ? 31   LYS A CD  1 
ATOM   260 C CE  . LYS A 1 31 ? -2.530  -11.149 -1.168  0.010 32.79 ? 31   LYS A CE  1 
ATOM   261 N NZ  . LYS A 1 31 ? -3.144  -10.990 0.181   0.010 32.84 ? 31   LYS A NZ  1 
ATOM   262 N N   . LEU A 1 32 ? -6.102  -7.071  -4.057  1.00  34.55 ? 32   LEU A N   1 
ATOM   263 C CA  . LEU A 1 32 ? -6.905  -6.661  -5.218  1.00  36.08 ? 32   LEU A CA  1 
ATOM   264 C C   . LEU A 1 32 ? -6.604  -7.458  -6.509  1.00  37.71 ? 32   LEU A C   1 
ATOM   265 O O   . LEU A 1 32 ? -5.624  -8.216  -6.575  1.00  36.52 ? 32   LEU A O   1 
ATOM   266 C CB  . LEU A 1 32 ? -6.687  -5.173  -5.512  1.00  35.96 ? 32   LEU A CB  1 
ATOM   267 C CG  . LEU A 1 32 ? -6.922  -4.063  -4.489  1.00  33.75 ? 32   LEU A CG  1 
ATOM   268 C CD1 . LEU A 1 32 ? -6.162  -2.837  -4.965  1.00  31.94 ? 32   LEU A CD1 1 
ATOM   269 C CD2 . LEU A 1 32 ? -8.398  -3.751  -4.289  1.00  31.78 ? 32   LEU A CD2 1 
ATOM   270 N N   . GLN A 1 33 ? -7.444  -7.256  -7.532  1.00  38.97 ? 33   GLN A N   1 
ATOM   271 C CA  . GLN A 1 33 ? -7.286  -7.912  -8.844  1.00  39.78 ? 33   GLN A CA  1 
ATOM   272 C C   . GLN A 1 33 ? -6.023  -7.444  -9.572  1.00  39.42 ? 33   GLN A C   1 
ATOM   273 O O   . GLN A 1 33 ? -5.280  -8.265  -10.126 1.00  39.85 ? 33   GLN A O   1 
ATOM   274 C CB  . GLN A 1 33 ? -8.525  -7.701  -9.731  0.60  40.32 ? 33   GLN A CB  1 
ATOM   275 C CG  . GLN A 1 33 ? -9.679  -8.674  -9.459  0.60  40.38 ? 33   GLN A CG  1 
ATOM   276 C CD  . GLN A 1 33 ? -9.544  -10.010 -10.193 0.60  39.93 ? 33   GLN A CD  1 
ATOM   277 O OE1 . GLN A 1 33 ? -8.439  -10.487 -10.453 0.60  39.55 ? 33   GLN A OE1 1 
ATOM   278 N NE2 . GLN A 1 33 ? -10.679 -10.616 -10.525 0.60  38.18 ? 33   GLN A NE2 1 
ATOM   279 N N   . GLU A 1 34 ? -5.800  -6.129  -9.576  1.00  38.54 ? 34   GLU A N   1 
ATOM   280 C CA  . GLU A 1 34 ? -4.527  -5.552  -9.989  1.00  36.53 ? 34   GLU A CA  1 
ATOM   281 C C   . GLU A 1 34 ? -3.415  -6.239  -9.198  1.00  35.34 ? 34   GLU A C   1 
ATOM   282 O O   . GLU A 1 34 ? -3.288  -6.047  -7.990  1.00  34.99 ? 34   GLU A O   1 
ATOM   283 C CB  . GLU A 1 34 ? -4.506  -4.039  -9.751  1.00  37.22 ? 34   GLU A CB  1 
ATOM   284 C CG  . GLU A 1 34 ? -5.642  -3.279  -10.426 0.50  36.82 ? 34   GLU A CG  1 
ATOM   285 C CD  . GLU A 1 34 ? -5.153  -2.041  -11.146 0.50  36.76 ? 34   GLU A CD  1 
ATOM   286 O OE1 . GLU A 1 34 ? -5.933  -1.077  -11.290 0.50  36.04 ? 34   GLU A OE1 1 
ATOM   287 O OE2 . GLU A 1 34 ? -3.983  -2.035  -11.580 0.50  37.76 ? 34   GLU A OE2 1 
ATOM   288 N N   . GLU A 1 35 ? -2.643  -7.066  -9.901  1.00  33.27 ? 35   GLU A N   1 
ATOM   289 C CA  A GLU A 1 35 ? -1.593  -7.870  -9.294  0.50  31.92 ? 35   GLU A CA  1 
ATOM   290 C CA  B GLU A 1 35 ? -1.587  -7.875  -9.308  0.50  32.40 ? 35   GLU A CA  1 
ATOM   291 C C   . GLU A 1 35 ? -0.434  -6.998  -8.815  1.00  30.55 ? 35   GLU A C   1 
ATOM   292 O O   . GLU A 1 35 ? 0.034   -6.125  -9.537  1.00  32.49 ? 35   GLU A O   1 
ATOM   293 C CB  A GLU A 1 35 ? -1.107  -8.911  -10.296 0.50  32.23 ? 35   GLU A CB  1 
ATOM   294 C CB  B GLU A 1 35 ? -1.098  -8.883  -10.349 0.50  32.79 ? 35   GLU A CB  1 
ATOM   295 C CG  A GLU A 1 35 ? -0.425  -10.110 -9.683  0.50  32.26 ? 35   GLU A CG  1 
ATOM   296 C CG  B GLU A 1 35 ? -0.161  -9.962  -9.843  0.50  33.44 ? 35   GLU A CG  1 
ATOM   297 C CD  A GLU A 1 35 ? -0.335  -11.275 -10.652 0.50  31.89 ? 35   GLU A CD  1 
ATOM   298 C CD  B GLU A 1 35 ? 0.270   -10.922 -10.949 0.50  33.51 ? 35   GLU A CD  1 
ATOM   299 O OE1 A GLU A 1 35 ? -0.821  -12.368 -10.300 0.50  31.33 ? 35   GLU A OE1 1 
ATOM   300 O OE1 B GLU A 1 35 ? -0.139  -10.729 -12.119 0.50  32.69 ? 35   GLU A OE1 1 
ATOM   301 O OE2 A GLU A 1 35 ? 0.211   -11.097 -11.766 0.50  31.03 ? 35   GLU A OE2 1 
ATOM   302 O OE2 B GLU A 1 35 ? 1.024   -11.871 -10.644 0.50  34.36 ? 35   GLU A OE2 1 
ATOM   303 N N   . GLY A 1 36 ? 0.013   -7.239  -7.584  1.00  28.28 ? 36   GLY A N   1 
ATOM   304 C CA  . GLY A 1 36 ? 1.039   -6.423  -6.928  1.00  24.78 ? 36   GLY A CA  1 
ATOM   305 C C   . GLY A 1 36 ? 0.481   -5.257  -6.108  1.00  23.68 ? 36   GLY A C   1 
ATOM   306 O O   . GLY A 1 36 ? 1.236   -4.489  -5.513  1.00  23.56 ? 36   GLY A O   1 
ATOM   307 N N   . TRP A 1 37 ? -0.842  -5.129  -6.062  1.00  23.14 ? 37   TRP A N   1 
ATOM   308 C CA  . TRP A 1 37 ? -1.495  -4.004  -5.369  1.00  20.93 ? 37   TRP A CA  1 
ATOM   309 C C   . TRP A 1 37 ? -2.428  -4.445  -4.253  1.00  21.08 ? 37   TRP A C   1 
ATOM   310 O O   . TRP A 1 37 ? -3.035  -5.511  -4.315  1.00  21.30 ? 37   TRP A O   1 
ATOM   311 C CB  . TRP A 1 37 ? -2.207  -3.089  -6.362  1.00  20.40 ? 37   TRP A CB  1 
ATOM   312 C CG  . TRP A 1 37 ? -1.213  -2.332  -7.184  1.00  20.90 ? 37   TRP A CG  1 
ATOM   313 C CD1 . TRP A 1 37 ? -0.601  -2.755  -8.332  1.00  20.96 ? 37   TRP A CD1 1 
ATOM   314 C CD2 . TRP A 1 37 ? -0.668  -1.040  -6.893  1.00  19.62 ? 37   TRP A CD2 1 
ATOM   315 N NE1 . TRP A 1 37 ? 0.282   -1.803  -8.781  1.00  18.59 ? 37   TRP A NE1 1 
ATOM   316 C CE2 . TRP A 1 37 ? 0.257   -0.738  -7.914  1.00  19.33 ? 37   TRP A CE2 1 
ATOM   317 C CE3 . TRP A 1 37 ? -0.881  -0.106  -5.874  1.00  18.84 ? 37   TRP A CE3 1 
ATOM   318 C CZ2 . TRP A 1 37 ? 0.957   0.465   -7.955  1.00  17.78 ? 37   TRP A CZ2 1 
ATOM   319 C CZ3 . TRP A 1 37 ? -0.180  1.097   -5.916  1.00  19.33 ? 37   TRP A CZ3 1 
ATOM   320 C CH2 . TRP A 1 37 ? 0.738   1.361   -6.944  1.00  21.05 ? 37   TRP A CH2 1 
ATOM   321 N N   . LEU A 1 38 ? -2.496  -3.602  -3.227  1.00  21.83 ? 38   LEU A N   1 
ATOM   322 C CA  . LEU A 1 38 ? -3.266  -3.838  -2.023  1.00  21.88 ? 38   LEU A CA  1 
ATOM   323 C C   . LEU A 1 38 ? -4.062  -2.585  -1.698  1.00  22.72 ? 38   LEU A C   1 
ATOM   324 O O   . LEU A 1 38 ? -3.766  -1.492  -2.203  1.00  23.91 ? 38   LEU A O   1 
ATOM   325 C CB  . LEU A 1 38 ? -2.336  -4.188  -0.853  1.00  21.21 ? 38   LEU A CB  1 
ATOM   326 C CG  . LEU A 1 38 ? -1.460  -5.439  -0.954  1.00  20.69 ? 38   LEU A CG  1 
ATOM   327 C CD1 . LEU A 1 38 ? -0.494  -5.488  0.194   1.00  18.49 ? 38   LEU A CD1 1 
ATOM   328 C CD2 . LEU A 1 38 ? -2.325  -6.681  -0.980  1.00  18.88 ? 38   LEU A CD2 1 
ATOM   329 N N   . GLU A 1 39 ? -5.078  -2.748  -0.861  1.00  21.79 ? 39   GLU A N   1 
ATOM   330 C CA  . GLU A 1 39 ? -5.907  -1.637  -0.464  1.00  23.86 ? 39   GLU A CA  1 
ATOM   331 C C   . GLU A 1 39 ? -6.118  -1.680  1.033   1.00  21.01 ? 39   GLU A C   1 
ATOM   332 O O   . GLU A 1 39 ? -6.451  -2.712  1.587   1.00  19.88 ? 39   GLU A O   1 
ATOM   333 C CB  . GLU A 1 39 ? -7.234  -1.688  -1.192  1.00  25.80 ? 39   GLU A CB  1 
ATOM   334 C CG  . GLU A 1 39 ? -7.683  -0.336  -1.644  1.00  33.40 ? 39   GLU A CG  1 
ATOM   335 C CD  . GLU A 1 39 ? -9.149  -0.301  -1.974  1.00  39.01 ? 39   GLU A CD  1 
ATOM   336 O OE1 . GLU A 1 39 ? -9.487  0.079   -3.123  1.00  43.40 ? 39   GLU A OE1 1 
ATOM   337 O OE2 . GLU A 1 39 ? -9.957  -0.658  -1.086  1.00  41.93 ? 39   GLU A OE2 1 
ATOM   338 N N   . GLY A 1 40 ? -5.891  -0.551  1.681   1.00  18.22 ? 40   GLY A N   1 
ATOM   339 C CA  . GLY A 1 40 ? -6.034  -0.466  3.122   1.00  20.08 ? 40   GLY A CA  1 
ATOM   340 C C   . GLY A 1 40 ? -6.159  0.969   3.555   1.00  18.70 ? 40   GLY A C   1 
ATOM   341 O O   . GLY A 1 40 ? -6.189  1.877   2.723   1.00  18.64 ? 40   GLY A O   1 
ATOM   342 N N   . GLU A 1 41 ? -6.210  1.162   4.861   1.00  18.96 ? 41   GLU A N   1 
ATOM   343 C CA  . GLU A 1 41 ? -6.452  2.480   5.432   1.00  20.96 ? 41   GLU A CA  1 
ATOM   344 C C   . GLU A 1 41 ? -5.233  3.043   6.181   1.00  20.09 ? 41   GLU A C   1 
ATOM   345 O O   . GLU A 1 41 ? -4.641  2.362   7.030   1.00  19.27 ? 41   GLU A O   1 
ATOM   346 C CB  . GLU A 1 41 ? -7.688  2.426   6.338   1.00  22.24 ? 41   GLU A CB  1 
ATOM   347 C CG  . GLU A 1 41 ? -7.914  3.671   7.178   1.00  26.27 ? 41   GLU A CG  1 
ATOM   348 C CD  . GLU A 1 41 ? -8.862  3.422   8.336   1.00  30.19 ? 41   GLU A CD  1 
ATOM   349 O OE1 . GLU A 1 41 ? -10.091 3.283   8.102   1.00  32.10 ? 41   GLU A OE1 1 
ATOM   350 O OE2 . GLU A 1 41 ? -8.368  3.372   9.482   1.00  29.05 ? 41   GLU A OE2 1 
ATOM   351 N N   . LEU A 1 42 ? -4.874  4.283   5.844   1.00  19.56 ? 42   LEU A N   1 
ATOM   352 C CA  . LEU A 1 42 ? -3.796  5.012   6.505   1.00  21.20 ? 42   LEU A CA  1 
ATOM   353 C C   . LEU A 1 42 ? -4.192  6.457   6.890   1.00  22.89 ? 42   LEU A C   1 
ATOM   354 O O   . LEU A 1 42 ? -4.527  7.270   6.021   1.00  22.08 ? 42   LEU A O   1 
ATOM   355 C CB  . LEU A 1 42 ? -2.539  5.018   5.629   1.00  18.58 ? 42   LEU A CB  1 
ATOM   356 C CG  . LEU A 1 42 ? -1.347  5.777   6.203   1.00  15.91 ? 42   LEU A CG  1 
ATOM   357 C CD1 . LEU A 1 42 ? -0.806  5.131   7.499   1.00  15.01 ? 42   LEU A CD1 1 
ATOM   358 C CD2 . LEU A 1 42 ? -0.261  5.917   5.131   1.00  17.47 ? 42   LEU A CD2 1 
ATOM   359 N N   . ASN A 1 43 ? -4.121  6.770   8.191   1.00  25.48 ? 43   ASN A N   1 
ATOM   360 C CA  . ASN A 1 43 ? -4.561  8.073   8.734   1.00  26.38 ? 43   ASN A CA  1 
ATOM   361 C C   . ASN A 1 43 ? -5.985  8.418   8.276   1.00  29.40 ? 43   ASN A C   1 
ATOM   362 O O   . ASN A 1 43 ? -6.252  9.517   7.791   1.00  30.74 ? 43   ASN A O   1 
ATOM   363 C CB  . ASN A 1 43 ? -3.568  9.188   8.366   1.00  24.64 ? 43   ASN A CB  1 
ATOM   364 C CG  . ASN A 1 43 ? -3.650  10.418  9.302   0.50  23.85 ? 43   ASN A CG  1 
ATOM   365 O OD1 . ASN A 1 43 ? -4.666  10.677  9.955   0.50  20.08 ? 43   ASN A OD1 1 
ATOM   366 N ND2 . ASN A 1 43 ? -2.566  11.183  9.345   0.50  21.91 ? 43   ASN A ND2 1 
ATOM   367 N N   . GLY A 1 44 ? -6.889  7.451   8.411   1.00  31.47 ? 44   GLY A N   1 
ATOM   368 C CA  . GLY A 1 44 ? -8.285  7.657   8.040   1.00  32.96 ? 44   GLY A CA  1 
ATOM   369 C C   . GLY A 1 44 ? -8.662  7.452   6.580   1.00  33.01 ? 44   GLY A C   1 
ATOM   370 O O   . GLY A 1 44 ? -9.836  7.230   6.282   1.00  32.58 ? 44   GLY A O   1 
ATOM   371 N N   . ARG A 1 45 ? -7.689  7.525   5.670   1.00  32.71 ? 45   ARG A N   1 
ATOM   372 C CA  . ARG A 1 45 ? -7.973  7.369   4.231   1.00  32.86 ? 45   ARG A CA  1 
ATOM   373 C C   . ARG A 1 45 ? -7.660  5.975   3.648   1.00  31.58 ? 45   ARG A C   1 
ATOM   374 O O   . ARG A 1 45 ? -6.633  5.378   3.954   1.00  31.44 ? 45   ARG A O   1 
ATOM   375 C CB  . ARG A 1 45 ? -7.258  8.446   3.412   1.00  33.41 ? 45   ARG A CB  1 
ATOM   376 C CG  . ARG A 1 45 ? -7.610  8.404   1.937   1.00  36.02 ? 45   ARG A CG  1 
ATOM   377 C CD  . ARG A 1 45 ? -7.059  9.597   1.188   1.00  39.71 ? 45   ARG A CD  1 
ATOM   378 N NE  . ARG A 1 45 ? -5.664  9.418   0.808   1.00  41.97 ? 45   ARG A NE  1 
ATOM   379 C CZ  . ARG A 1 45 ? -5.249  8.836   -0.319  1.00  44.26 ? 45   ARG A CZ  1 
ATOM   380 N NH1 . ARG A 1 45 ? -6.121  8.352   -1.200  1.00  45.68 ? 45   ARG A NH1 1 
ATOM   381 N NH2 . ARG A 1 45 ? -3.950  8.732   -0.566  1.00  44.83 ? 45   ARG A NH2 1 
ATOM   382 N N   . ARG A 1 46 ? -8.554  5.482   2.797   1.00  29.31 ? 46   ARG A N   1 
ATOM   383 C CA  . ARG A 1 46 ? -8.341  4.230   2.079   1.00  28.15 ? 46   ARG A CA  1 
ATOM   384 C C   . ARG A 1 46 ? -7.838  4.451   0.659   1.00  25.89 ? 46   ARG A C   1 
ATOM   385 O O   . ARG A 1 46 ? -8.344  5.307   -0.070  1.00  24.31 ? 46   ARG A O   1 
ATOM   386 C CB  . ARG A 1 46 ? -9.623  3.417   2.036   1.00  29.02 ? 46   ARG A CB  1 
ATOM   387 C CG  . ARG A 1 46 ? -9.995  2.779   3.349   1.00  33.26 ? 46   ARG A CG  1 
ATOM   388 C CD  . ARG A 1 46 ? -11.041 1.698   3.119   1.00  34.98 ? 46   ARG A CD  1 
ATOM   389 N NE  . ARG A 1 46 ? -10.608 0.662   2.171   1.00  37.59 ? 46   ARG A NE  1 
ATOM   390 C CZ  . ARG A 1 46 ? -10.076 -0.515  2.516   1.00  37.81 ? 46   ARG A CZ  1 
ATOM   391 N NH1 . ARG A 1 46 ? -9.873  -0.819  3.790   1.00  35.42 ? 46   ARG A NH1 1 
ATOM   392 N NH2 . ARG A 1 46 ? -9.736  -1.391  1.580   1.00  38.71 ? 46   ARG A NH2 1 
ATOM   393 N N   . GLY A 1 47 ? -6.848  3.665   0.262   1.00  23.54 ? 47   GLY A N   1 
ATOM   394 C CA  . GLY A 1 47 ? -6.298  3.764   -1.085  1.00  20.18 ? 47   GLY A CA  1 
ATOM   395 C C   . GLY A 1 47 ? -5.464  2.547   -1.381  1.00  18.28 ? 47   GLY A C   1 
ATOM   396 O O   . GLY A 1 47 ? -5.360  1.666   -0.549  1.00  15.10 ? 47   GLY A O   1 
ATOM   397 N N   . MET A 1 48 ? -4.848  2.513   -2.556  1.00  19.75 ? 48   MET A N   1 
ATOM   398 C CA  . MET A 1 48 ? -4.015  1.384   -2.925  1.00  24.37 ? 48   MET A CA  1 
ATOM   399 C C   . MET A 1 48 ? -2.516  1.698   -2.853  1.00  21.67 ? 48   MET A C   1 
ATOM   400 O O   . MET A 1 48 ? -2.095  2.846   -3.002  1.00  23.42 ? 48   MET A O   1 
ATOM   401 C CB  . MET A 1 48 ? -4.417  0.816   -4.292  1.00  23.84 ? 48   MET A CB  1 
ATOM   402 C CG  . MET A 1 48 ? -4.372  1.812   -5.433  1.00  29.41 ? 48   MET A CG  1 
ATOM   403 S SD  . MET A 1 48 ? -5.286  1.244   -6.886  1.00  32.83 ? 48   MET A SD  1 
ATOM   404 C CE  . MET A 1 48 ? -6.934  0.975   -6.191  1.00  33.81 ? 48   MET A CE  1 
ATOM   405 N N   . PHE A 1 49 ? -1.726  0.653   -2.622  1.00  19.37 ? 49   PHE A N   1 
ATOM   406 C CA  . PHE A 1 49 ? -0.275  0.768   -2.465  1.00  19.28 ? 49   PHE A CA  1 
ATOM   407 C C   . PHE A 1 49 ? 0.364   -0.546  -2.887  1.00  17.06 ? 49   PHE A C   1 
ATOM   408 O O   . PHE A 1 49 ? -0.256  -1.616  -2.747  1.00  14.70 ? 49   PHE A O   1 
ATOM   409 C CB  . PHE A 1 49 ? 0.085   1.083   -1.009  1.00  18.38 ? 49   PHE A CB  1 
ATOM   410 C CG  . PHE A 1 49 ? -0.576  0.167   -0.027  1.00  19.54 ? 49   PHE A CG  1 
ATOM   411 C CD1 . PHE A 1 49 ? 0.127   -0.894  0.532   1.00  21.48 ? 49   PHE A CD1 1 
ATOM   412 C CD2 . PHE A 1 49 ? -1.910  0.343   0.317   1.00  18.95 ? 49   PHE A CD2 1 
ATOM   413 C CE1 . PHE A 1 49 ? -0.496  -1.756  1.427   1.00  20.51 ? 49   PHE A CE1 1 
ATOM   414 C CE2 . PHE A 1 49 ? -2.530  -0.513  1.205   1.00  17.87 ? 49   PHE A CE2 1 
ATOM   415 C CZ  . PHE A 1 49 ? -1.823  -1.556  1.766   1.00  18.61 ? 49   PHE A CZ  1 
ATOM   416 N N   . PRO A 1 50 ? 1.603   -0.478  -3.417  1.00  18.64 ? 50   PRO A N   1 
ATOM   417 C CA  . PRO A 1 50 ? 2.274   -1.674  -3.962  1.00  17.68 ? 50   PRO A CA  1 
ATOM   418 C C   . PRO A 1 50 ? 2.676   -2.659  -2.869  1.00  17.04 ? 50   PRO A C   1 
ATOM   419 O O   . PRO A 1 50 ? 3.205   -2.231  -1.840  1.00  17.64 ? 50   PRO A O   1 
ATOM   420 C CB  . PRO A 1 50 ? 3.504   -1.099  -4.672  1.00  18.09 ? 50   PRO A CB  1 
ATOM   421 C CG  . PRO A 1 50 ? 3.702   0.248   -4.121  1.00  15.45 ? 50   PRO A CG  1 
ATOM   422 C CD  . PRO A 1 50 ? 2.424   0.744   -3.551  1.00  16.48 ? 50   PRO A CD  1 
ATOM   423 N N   . ASP A 1 51 ? 2.427   -3.956  -3.084  1.00  18.08 ? 51   ASP A N   1 
ATOM   424 C CA  . ASP A 1 51 ? 2.638   -4.965  -2.019  1.00  21.32 ? 51   ASP A CA  1 
ATOM   425 C C   . ASP A 1 51 ? 4.080   -5.261  -1.606  1.00  20.86 ? 51   ASP A C   1 
ATOM   426 O O   . ASP A 1 51 ? 4.308   -5.809  -0.537  1.00  22.92 ? 51   ASP A O   1 
ATOM   427 C CB  . ASP A 1 51 ? 1.843   -6.284  -2.234  1.00  20.97 ? 51   ASP A CB  1 
ATOM   428 C CG  . ASP A 1 51 ? 2.243   -7.040  -3.490  1.00  24.99 ? 51   ASP A CG  1 
ATOM   429 O OD1 . ASP A 1 51 ? 3.231   -6.644  -4.138  1.00  24.50 ? 51   ASP A OD1 1 
ATOM   430 O OD2 . ASP A 1 51 ? 1.543   -8.044  -3.818  1.00  25.32 ? 51   ASP A OD2 1 
ATOM   431 N N   . ASN A 1 52 ? 5.049   -4.901  -2.425  1.00  21.11 ? 52   ASN A N   1 
ATOM   432 C CA  . ASN A 1 52 ? 6.436   -5.181  -2.050  1.00  22.93 ? 52   ASN A CA  1 
ATOM   433 C C   . ASN A 1 52 ? 7.132   -4.017  -1.330  1.00  22.66 ? 52   ASN A C   1 
ATOM   434 O O   . ASN A 1 52 ? 8.345   -4.044  -1.120  1.00  22.72 ? 52   ASN A O   1 
ATOM   435 C CB  . ASN A 1 52 ? 7.251   -5.678  -3.252  1.00  22.50 ? 52   ASN A CB  1 
ATOM   436 C CG  . ASN A 1 52 ? 7.169   -4.749  -4.435  1.00  24.81 ? 52   ASN A CG  1 
ATOM   437 O OD1 . ASN A 1 52 ? 6.286   -3.886  -4.510  1.00  25.56 ? 52   ASN A OD1 1 
ATOM   438 N ND2 . ASN A 1 52 ? 8.086   -4.926  -5.381  1.00  22.94 ? 52   ASN A ND2 1 
ATOM   439 N N   . PHE A 1 53 ? 6.350   -3.006  -0.960  1.00  21.55 ? 53   PHE A N   1 
ATOM   440 C CA  . PHE A 1 53 ? 6.821   -1.908  -0.125  1.00  20.71 ? 53   PHE A CA  1 
ATOM   441 C C   . PHE A 1 53 ? 6.424   -2.148  1.323   1.00  21.87 ? 53   PHE A C   1 
ATOM   442 O O   . PHE A 1 53 ? 6.777   -1.374  2.219   1.00  21.91 ? 53   PHE A O   1 
ATOM   443 C CB  . PHE A 1 53 ? 6.227   -0.595  -0.619  1.00  20.11 ? 53   PHE A CB  1 
ATOM   444 C CG  . PHE A 1 53 ? 6.891   -0.061  -1.865  1.00  19.57 ? 53   PHE A CG  1 
ATOM   445 C CD1 . PHE A 1 53 ? 6.775   -0.742  -3.073  1.00  17.93 ? 53   PHE A CD1 1 
ATOM   446 C CD2 . PHE A 1 53 ? 7.622   1.118   -1.826  1.00  17.81 ? 53   PHE A CD2 1 
ATOM   447 C CE1 . PHE A 1 53 ? 7.366   -0.256  -4.212  1.00  17.12 ? 53   PHE A CE1 1 
ATOM   448 C CE2 . PHE A 1 53 ? 8.239   1.614   -2.971  1.00  15.91 ? 53   PHE A CE2 1 
ATOM   449 C CZ  . PHE A 1 53 ? 8.106   0.930   -4.158  1.00  18.05 ? 53   PHE A CZ  1 
ATOM   450 N N   . VAL A 1 54 ? 5.688   -3.236  1.534   1.00  20.47 ? 54   VAL A N   1 
ATOM   451 C CA  . VAL A 1 54 ? 5.037   -3.502  2.798   1.00  19.01 ? 54   VAL A CA  1 
ATOM   452 C C   . VAL A 1 54 ? 5.192   -4.967  3.181   1.00  19.31 ? 54   VAL A C   1 
ATOM   453 O O   . VAL A 1 54 ? 5.597   -5.801  2.363   1.00  17.80 ? 54   VAL A O   1 
ATOM   454 C CB  . VAL A 1 54 ? 3.518   -3.073  2.788   1.00  19.69 ? 54   VAL A CB  1 
ATOM   455 C CG1 . VAL A 1 54 ? 3.373   -1.559  2.603   1.00  15.47 ? 54   VAL A CG1 1 
ATOM   456 C CG2 . VAL A 1 54 ? 2.730   -3.815  1.720   1.00  16.35 ? 54   VAL A CG2 1 
ATOM   457 N N   . LYS A 1 55 ? 4.907   -5.261  4.443   1.00  19.27 ? 55   LYS A N   1 
ATOM   458 C CA  . LYS A 1 55 ? 4.953   -6.619  4.953   1.00  21.49 ? 55   LYS A CA  1 
ATOM   459 C C   . LYS A 1 55 ? 3.755   -6.892  5.857   1.00  23.86 ? 55   LYS A C   1 
ATOM   460 O O   . LYS A 1 55 ? 3.435   -6.082  6.742   1.00  23.57 ? 55   LYS A O   1 
ATOM   461 C CB  . LYS A 1 55 ? 6.251   -6.831  5.720   1.00  21.82 ? 55   LYS A CB  1 
ATOM   462 C CG  . LYS A 1 55 ? 6.385   -8.191  6.335   1.00  22.17 ? 55   LYS A CG  1 
ATOM   463 C CD  . LYS A 1 55 ? 7.817   -8.493  6.632   1.00  20.83 ? 55   LYS A CD  1 
ATOM   464 C CE  . LYS A 1 55 ? 7.931   -9.282  7.931   1.00  24.52 ? 55   LYS A CE  1 
ATOM   465 N NZ  . LYS A 1 55 ? 7.150   -10.554 7.893   1.00  24.40 ? 55   LYS A NZ  1 
ATOM   466 N N   . GLU A 1 56 ? 3.099   -8.033  5.639   1.00  24.78 ? 56   GLU A N   1 
ATOM   467 C CA  . GLU A 1 56 ? 1.949   -8.422  6.446   1.00  27.68 ? 56   GLU A CA  1 
ATOM   468 C C   . GLU A 1 56 ? 2.357   -8.669  7.884   1.00  27.45 ? 56   GLU A C   1 
ATOM   469 O O   . GLU A 1 56 ? 3.291   -9.425  8.139   1.00  29.34 ? 56   GLU A O   1 
ATOM   470 C CB  . GLU A 1 56 ? 1.299   -9.684  5.871   1.00  29.40 ? 56   GLU A CB  1 
ATOM   471 C CG  . GLU A 1 56 ? -0.041  -10.020 6.500   1.00  32.23 ? 56   GLU A CG  1 
ATOM   472 C CD  . GLU A 1 56 ? -0.594  -11.387 6.102   1.00  32.36 ? 56   GLU A CD  1 
ATOM   473 O OE1 . GLU A 1 56 ? -0.493  -11.781 4.923   1.00  36.50 ? 56   GLU A OE1 1 
ATOM   474 O OE2 . GLU A 1 56 ? -1.150  -12.064 6.986   1.00  34.64 ? 56   GLU A OE2 1 
ATOM   475 N N   . ILE A 1 57 ? 1.668   -8.023  8.824   1.00  28.44 ? 57   ILE A N   1 
ATOM   476 C CA  . ILE A 1 57 ? 1.854   -8.299  10.253  1.00  27.11 ? 57   ILE A CA  1 
ATOM   477 C C   . ILE A 1 57 ? 1.163   -9.623  10.594  1.00  29.50 ? 57   ILE A C   1 
ATOM   478 O O   . ILE A 1 57 ? -0.008  -9.822  10.254  1.00  28.05 ? 57   ILE A O   1 
ATOM   479 C CB  . ILE A 1 57 ? 1.281   -7.170  11.135  1.00  26.77 ? 57   ILE A CB  1 
ATOM   480 C CG1 . ILE A 1 57 ? 2.004   -5.852  10.864  1.00  25.02 ? 57   ILE A CG1 1 
ATOM   481 C CG2 . ILE A 1 57 ? 1.336   -7.522  12.632  1.00  23.48 ? 57   ILE A CG2 1 
ATOM   482 C CD1 . ILE A 1 57 ? 1.081   -4.650  10.972  1.00  24.94 ? 57   ILE A CD1 1 
ATOM   483 N N   . LYS A 1 58 ? 1.902   -10.513 11.266  1.00  30.67 ? 58   LYS A N   1 
ATOM   484 C CA  . LYS A 1 58 ? 1.423   -11.858 11.625  1.00  34.32 ? 58   LYS A CA  1 
ATOM   485 C C   . LYS A 1 58 ? 1.758   -12.161 13.082  1.00  33.94 ? 58   LYS A C   1 
ATOM   486 O O   . LYS A 1 58 ? 2.811   -11.753 13.565  1.00  34.32 ? 58   LYS A O   1 
ATOM   487 C CB  . LYS A 1 58 ? 2.048   -12.927 10.709  1.00  33.25 ? 58   LYS A CB  1 
ATOM   488 C CG  . LYS A 1 58 ? 1.425   -13.002 9.330   1.00  34.92 ? 58   LYS A CG  1 
ATOM   489 C CD  . LYS A 1 58 ? 2.100   -14.045 8.444   1.00  37.93 ? 58   LYS A CD  1 
ATOM   490 C CE  . LYS A 1 58 ? 1.781   -13.780 6.970   1.00  41.50 ? 58   LYS A CE  1 
ATOM   491 N NZ  . LYS A 1 58 ? 2.436   -14.730 6.016   1.00  44.29 ? 58   LYS A NZ  1 
ATOM   492 N N   . PRO B 2 4  ? -2.641  2.464   -17.129 0.50  30.06 ? 327  PRO C N   1 
ATOM   493 C CA  . PRO B 2 4  ? -2.446  1.264   -16.326 0.50  29.61 ? 327  PRO C CA  1 
ATOM   494 C C   . PRO B 2 4  ? -1.583  1.536   -15.108 0.50  28.67 ? 327  PRO C C   1 
ATOM   495 O O   . PRO B 2 4  ? -1.098  2.655   -14.929 0.50  28.37 ? 327  PRO C O   1 
ATOM   496 C CB  . PRO B 2 4  ? -1.699  0.309   -17.268 0.50  29.75 ? 327  PRO C CB  1 
ATOM   497 C CG  . PRO B 2 4  ? -1.777  0.914   -18.609 0.50  30.25 ? 327  PRO C CG  1 
ATOM   498 C CD  . PRO B 2 4  ? -1.923  2.384   -18.407 0.50  30.43 ? 327  PRO C CD  1 
ATOM   499 N N   . LEU B 2 5  ? -1.398  0.508   -14.287 0.50  27.09 ? 328  LEU C N   1 
ATOM   500 C CA  . LEU B 2 5  ? -0.575  0.610   -13.090 0.50  26.70 ? 328  LEU C CA  1 
ATOM   501 C C   . LEU B 2 5  ? 0.605   -0.343  -13.180 0.50  25.76 ? 328  LEU C C   1 
ATOM   502 O O   . LEU B 2 5  ? 0.425   -1.549  -13.342 0.50  25.55 ? 328  LEU C O   1 
ATOM   503 C CB  . LEU B 2 5  ? -1.398  0.281   -11.837 0.50  26.80 ? 328  LEU C CB  1 
ATOM   504 C CG  . LEU B 2 5  ? -1.969  1.358   -10.904 0.50  25.95 ? 328  LEU C CG  1 
ATOM   505 C CD1 . LEU B 2 5  ? -2.658  2.494   -11.653 0.50  25.71 ? 328  LEU C CD1 1 
ATOM   506 C CD2 . LEU B 2 5  ? -2.926  0.690   -9.920  0.50  27.23 ? 328  LEU C CD2 1 
ATOM   507 N N   . PRO B 2 6  ? 1.821   0.200   -13.075 0.50  23.99 ? 329  PRO C N   1 
ATOM   508 C CA  . PRO B 2 6  ? 3.000   -0.650  -13.020 0.50  24.14 ? 329  PRO C CA  1 
ATOM   509 C C   . PRO B 2 6  ? 3.120   -1.312  -11.648 0.50  23.68 ? 329  PRO C C   1 
ATOM   510 O O   . PRO B 2 6  ? 2.179   -1.295  -10.859 0.50  24.27 ? 329  PRO C O   1 
ATOM   511 C CB  . PRO B 2 6  ? 4.154   0.334   -13.243 0.50  23.49 ? 329  PRO C CB  1 
ATOM   512 C CG  . PRO B 2 6  ? 3.637   1.642   -12.754 0.50  23.20 ? 329  PRO C CG  1 
ATOM   513 C CD  . PRO B 2 6  ? 2.150   1.634   -12.999 0.50  24.05 ? 329  PRO C CD  1 
ATOM   514 N N   . ARG B 2 7  ? 4.272   -1.902  -11.375 0.50  23.45 ? 330  ARG C N   1 
ATOM   515 C CA  . ARG B 2 7  ? 4.534   -2.465  -10.063 0.50  23.09 ? 330  ARG C CA  1 
ATOM   516 C C   . ARG B 2 7  ? 5.818   -1.823  -9.560  0.50  23.19 ? 330  ARG C C   1 
ATOM   517 O O   . ARG B 2 7  ? 6.912   -2.330  -9.805  0.50  24.19 ? 330  ARG C O   1 
ATOM   518 C CB  . ARG B 2 7  ? 4.592   -4.010  -10.118 0.50  22.84 ? 330  ARG C CB  1 
ATOM   519 C CG  . ARG B 2 7  ? 3.198   -4.670  -10.287 0.50  21.58 ? 330  ARG C CG  1 
ATOM   520 C CD  . ARG B 2 7  ? 3.231   -6.136  -10.754 0.50  21.21 ? 330  ARG C CD  1 
ATOM   521 N NE  . ARG B 2 7  ? 3.485   -7.102  -9.676  0.50  18.56 ? 330  ARG C NE  1 
ATOM   522 C CZ  . ARG B 2 7  ? 3.320   -8.433  -9.761  0.50  16.11 ? 330  ARG C CZ  1 
ATOM   523 N NH1 . ARG B 2 7  ? 2.850   -9.084  -10.926 0.50  14.12 ? 330  ARG C NH1 1 
ATOM   524 N NH2 . ARG B 2 7  ? 3.597   -9.158  -8.679  0.50  13.68 ? 330  ARG C NH2 1 
ATOM   525 N N   . PRO B 2 8  ? 5.680   -0.685  -8.858  0.50  23.17 ? 331  PRO C N   1 
ATOM   526 C CA  . PRO B 2 8  ? 6.794   0.188   -8.510  0.50  23.10 ? 331  PRO C CA  1 
ATOM   527 C C   . PRO B 2 8  ? 7.929   -0.637  -7.941  0.50  23.02 ? 331  PRO C C   1 
ATOM   528 O O   . PRO B 2 8  ? 7.687   -1.670  -7.321  0.50  21.75 ? 331  PRO C O   1 
ATOM   529 C CB  . PRO B 2 8  ? 6.209   1.095   -7.428  0.50  22.43 ? 331  PRO C CB  1 
ATOM   530 C CG  . PRO B 2 8  ? 4.765   1.076   -7.649  0.50  22.63 ? 331  PRO C CG  1 
ATOM   531 C CD  . PRO B 2 8  ? 4.403   -0.211  -8.300  0.50  23.08 ? 331  PRO C CD  1 
ATOM   532 N N   . ARG B 2 9  ? 9.161   -0.196  -8.153  0.50  24.76 ? 332  ARG C N   1 
ATOM   533 C CA  . ARG B 2 9  ? 10.298  -1.012  -7.757  0.50  27.55 ? 332  ARG C CA  1 
ATOM   534 C C   . ARG B 2 9  ? 10.974  -0.522  -6.474  0.50  28.58 ? 332  ARG C C   1 
ATOM   535 O O   . ARG B 2 9  ? 11.208  0.676   -6.297  0.50  29.19 ? 332  ARG C O   1 
ATOM   536 C CB  . ARG B 2 9  ? 11.293  -1.156  -8.918  0.50  27.99 ? 332  ARG C CB  1 
ATOM   537 C CG  . ARG B 2 9  ? 10.701  -1.894  -10.125 0.50  28.51 ? 332  ARG C CG  1 
ATOM   538 C CD  . ARG B 2 9  ? 11.735  -2.286  -11.166 0.50  27.52 ? 332  ARG C CD  1 
ATOM   539 N NE  . ARG B 2 9  ? 12.452  -1.118  -11.676 0.50  26.97 ? 332  ARG C NE  1 
ATOM   540 C CZ  . ARG B 2 9  ? 13.755  -0.912  -11.524 0.50  25.06 ? 332  ARG C CZ  1 
ATOM   541 N NH1 . ARG B 2 9  ? 14.507  -1.809  -10.902 0.50  25.14 ? 332  ARG C NH1 1 
ATOM   542 N NH2 . ARG B 2 9  ? 14.312  0.182   -12.019 0.50  25.00 ? 332  ARG C NH2 1 
ATOM   543 N N   . VAL B 2 10 ? 11.266  -1.454  -5.574  0.50  29.43 ? 333  VAL C N   1 
ATOM   544 C CA  . VAL B 2 10 ? 12.018  -1.133  -4.363  0.50  29.63 ? 333  VAL C CA  1 
ATOM   545 C C   . VAL B 2 10 ? 13.353  -0.473  -4.728  0.50  29.96 ? 333  VAL C C   1 
ATOM   546 O O   . VAL B 2 10 ? 13.933  -0.747  -5.785  0.50  29.13 ? 333  VAL C O   1 
ATOM   547 C CB  . VAL B 2 10 ? 12.255  -2.398  -3.488  0.50  29.65 ? 333  VAL C CB  1 
ATOM   548 C CG1 . VAL B 2 10 ? 13.364  -2.166  -2.472  0.50  29.28 ? 333  VAL C CG1 1 
ATOM   549 C CG2 . VAL B 2 10 ? 10.963  -2.827  -2.796  0.50  30.29 ? 333  VAL C CG2 1 
HETATM 550 O O   . HOH C 3 .  ? -2.945  -1.266  13.845  1.00  30.75 ? 2001 HOH A O   1 
HETATM 551 O O   . HOH C 3 .  ? 5.459   3.959   -10.392 0.50  26.34 ? 2002 HOH A O   1 
HETATM 552 O O   . HOH C 3 .  ? 11.760  -7.963  5.366   0.50  3.13  ? 2003 HOH A O   1 
HETATM 553 O O   . HOH C 3 .  ? 13.024  -1.618  5.390   1.00  43.04 ? 2004 HOH A O   1 
HETATM 554 O O   . HOH C 3 .  ? 9.847   -5.739  2.821   1.00  34.54 ? 2005 HOH A O   1 
HETATM 555 O O   . HOH C 3 .  ? 10.680  7.478   5.823   1.00  19.44 ? 2006 HOH A O   1 
HETATM 556 O O   . HOH C 3 .  ? 12.248  3.665   1.867   1.00  14.59 ? 2007 HOH A O   1 
HETATM 557 O O   . HOH C 3 .  ? 11.338  3.360   -1.322  1.00  33.21 ? 2008 HOH A O   1 
HETATM 558 O O   . HOH C 3 .  ? 3.125   3.034   -9.397  1.00  22.95 ? 2009 HOH A O   1 
HETATM 559 O O   . HOH C 3 .  ? 6.059   6.773   -6.630  1.00  25.98 ? 2010 HOH A O   1 
HETATM 560 O O   . HOH C 3 .  ? 7.834   6.050   -4.460  1.00  7.52  ? 2011 HOH A O   1 
HETATM 561 O O   . HOH C 3 .  ? 9.839   8.649   -0.965  1.00  32.48 ? 2012 HOH A O   1 
HETATM 562 O O   . HOH C 3 .  ? 4.566   10.789  -7.543  1.00  25.39 ? 2013 HOH A O   1 
HETATM 563 O O   . HOH C 3 .  ? -5.224  10.427  -11.690 1.00  20.10 ? 2014 HOH A O   1 
HETATM 564 O O   . HOH C 3 .  ? -10.084 5.844   -4.185  1.00  27.91 ? 2015 HOH A O   1 
HETATM 565 O O   . HOH C 3 .  ? 0.908   3.453   -10.362 1.00  28.80 ? 2016 HOH A O   1 
HETATM 566 O O   . HOH C 3 .  ? -1.794  8.569   1.617   1.00  31.80 ? 2017 HOH A O   1 
HETATM 567 O O   . HOH C 3 .  ? 7.018   5.770   11.262  1.00  36.49 ? 2018 HOH A O   1 
HETATM 568 O O   . HOH C 3 .  ? 9.012   7.307   8.385   1.00  33.93 ? 2019 HOH A O   1 
HETATM 569 O O   . HOH C 3 .  ? 3.554   2.374   13.164  1.00  21.55 ? 2020 HOH A O   1 
HETATM 570 O O   . HOH C 3 .  ? -0.326  8.843   7.953   1.00  26.00 ? 2021 HOH A O   1 
HETATM 571 O O   . HOH C 3 .  ? 5.008   8.364   10.823  1.00  33.91 ? 2022 HOH A O   1 
HETATM 572 O O   . HOH C 3 .  ? 0.864   4.031   11.516  1.00  30.22 ? 2023 HOH A O   1 
HETATM 573 O O   . HOH C 3 .  ? -4.014  4.041   10.240  1.00  30.06 ? 2024 HOH A O   1 
HETATM 574 O O   . HOH C 3 .  ? -14.452 -0.932  3.677   1.00  19.90 ? 2025 HOH A O   1 
HETATM 575 O O   . HOH C 3 .  ? -7.853  -10.127 1.160   1.00  31.72 ? 2026 HOH A O   1 
HETATM 576 O O   . HOH C 3 .  ? -9.888  -6.706  -6.668  1.00  30.89 ? 2027 HOH A O   1 
HETATM 577 O O   . HOH C 3 .  ? -2.525  -13.692 -9.312  1.00  26.51 ? 2028 HOH A O   1 
HETATM 578 O O   . HOH C 3 .  ? -0.261  -5.030  -11.662 1.00  34.09 ? 2029 HOH A O   1 
HETATM 579 O O   . HOH C 3 .  ? 3.295   -3.293  -7.031  1.00  26.55 ? 2030 HOH A O   1 
HETATM 580 O O   . HOH C 3 .  ? -1.927  -7.982  -4.399  1.00  27.39 ? 2031 HOH A O   1 
HETATM 581 O O   . HOH C 3 .  ? -12.153 2.186   7.582   1.00  32.47 ? 2032 HOH A O   1 
HETATM 582 O O   . HOH C 3 .  ? -1.812  7.445   10.639  1.00  35.95 ? 2033 HOH A O   1 
HETATM 583 O O   . HOH C 3 .  ? 0.512   11.731  9.437   1.00  19.75 ? 2034 HOH A O   1 
HETATM 584 O O   . HOH C 3 .  ? -1.377  10.094  6.272   1.00  30.04 ? 2035 HOH A O   1 
HETATM 585 O O   . HOH C 3 .  ? -11.538 5.459   5.564   1.00  31.46 ? 2036 HOH A O   1 
HETATM 586 O O   . HOH C 3 .  ? -11.235 10.506  6.723   1.00  16.61 ? 2037 HOH A O   1 
HETATM 587 O O   . HOH C 3 .  ? -2.706  10.793  -3.106  1.00  35.54 ? 2038 HOH A O   1 
HETATM 588 O O   . HOH C 3 .  ? -10.779 0.555   6.256   1.00  26.43 ? 2039 HOH A O   1 
HETATM 589 O O   . HOH C 3 .  ? 3.407   -7.951  0.624   1.00  20.11 ? 2040 HOH A O   1 
HETATM 590 O O   . HOH C 3 .  ? 8.144   -7.246  1.440   1.00  18.04 ? 2041 HOH A O   1 
HETATM 591 O O   . HOH C 3 .  ? 5.080   -11.470 6.631   1.00  29.23 ? 2042 HOH A O   1 
HETATM 592 O O   . HOH C 3 .  ? 4.050   -10.021 3.677   1.00  24.65 ? 2043 HOH A O   1 
HETATM 593 O O   . HOH C 3 .  ? -2.348  -8.067  11.522  1.00  18.62 ? 2044 HOH A O   1 
HETATM 594 O O   . HOH D 3 .  ? -2.895  -1.626  -14.173 1.00  26.81 ? 2001 HOH C O   1 
HETATM 595 O O   . HOH D 3 .  ? 4.652   -6.016  -6.946  1.00  38.97 ? 2002 HOH C O   1 
# 
